data_7QF1
#
_entry.id   7QF1
#
_cell.length_a   67.163
_cell.length_b   191.319
_cell.length_c   220.928
_cell.angle_alpha   90.000
_cell.angle_beta   90.000
_cell.angle_gamma   90.000
#
_symmetry.space_group_name_H-M   'P 21 21 21'
#
loop_
_entity.id
_entity.type
_entity.pdbx_description
1 polymer 'Spike protein S1'
2 polymer 'CV2.6264 light chain'
3 polymer 'CV2.6264 heavy chain'
4 branched beta-D-mannopyranose-(1-4)-2-acetamido-2-deoxy-beta-D-glucopyranose
5 non-polymer 2-acetamido-2-deoxy-beta-D-glucopyranose
#
loop_
_entity_poly.entity_id
_entity_poly.type
_entity_poly.pdbx_seq_one_letter_code
_entity_poly.pdbx_strand_id
1 'polypeptide(L)'
;NITNLCPFGEVFNATRFASVYAWNRKRISNCVADYSFLYNSASFSTFKCYGVSPTKLNDLCFTNVYADSFVIRGDEVRQI
APGQTGKIADYNYKLPDDFTGCVIAWNSNNLDSKVGGNYNYLYRLFRKSNLKPFERDISTEIYQAGSTPCNGVEGFNCYF
PLQSYGFQPTNGVGYQPYRVVVLSFELLHAPATVCGPKGSGDDDDK
;
A,F
2 'polypeptide(L)'
;DIQMTQSPSSLSASVGDRVTITCRASQSISSYLNWYQQKPGKAPKLLIYAASSLQSGVPSRFSGSGSGTDFTLTISSLQP
EDFATYYCQQSYSNPWTFGQGTKVEIKRTVAAPSVFIFPPSDEQLKSGTASVVCLLNNFYPREAKVQWKVDNALQSGNSQ
ESVTEQDSKDSTYSLSSTLTLSKADYEKHKVYACEVTHQGLSSPVTKSFNRGE
;
B,D
3 'polypeptide(L)'
;QVQLVQSEAEVKKPGSSVKVSCKASGGTYSSYAISWVRQAPGQGLEWMGGIIPILGIANYAQKFQGRVTITADKSTSTAY
MELSSLRSEDTAVYYCARLPYYYDSSGYYYFDYWGQGTLVTVSSASTKGPSVFPLAPSSKSTSGGTAALGCLVKDYFPEP
VTVSWNSGALTSGVHTFPAVLQSSGLYSLSSVVTVPSSSLGTQTYICNVNHKPSNTKVDKRVEPKSCDKTHHHHHH
;
C,E
#
# COMPACT_ATOMS: atom_id res chain seq x y z
N ASN A 4 20.70 -23.91 -34.11
CA ASN A 4 20.71 -22.48 -33.78
C ASN A 4 19.30 -21.92 -33.77
N LEU A 5 18.59 -22.15 -32.66
CA LEU A 5 17.20 -21.78 -32.55
C LEU A 5 17.05 -20.27 -32.39
N CYS A 6 15.80 -19.80 -32.54
CA CYS A 6 15.40 -18.41 -32.38
C CYS A 6 15.06 -18.14 -30.93
N PRO A 7 15.36 -16.95 -30.43
CA PRO A 7 15.15 -16.66 -28.99
C PRO A 7 13.70 -16.39 -28.64
N PHE A 8 12.86 -17.42 -28.78
CA PHE A 8 11.47 -17.29 -28.37
C PHE A 8 11.31 -17.40 -26.86
N GLY A 9 12.24 -18.08 -26.18
CA GLY A 9 12.22 -18.08 -24.73
C GLY A 9 12.35 -16.68 -24.16
N GLU A 10 13.20 -15.86 -24.77
CA GLU A 10 13.36 -14.48 -24.33
C GLU A 10 12.05 -13.71 -24.39
N VAL A 11 11.19 -14.04 -25.34
CA VAL A 11 9.97 -13.27 -25.56
C VAL A 11 8.83 -13.80 -24.69
N PHE A 12 8.59 -15.11 -24.73
CA PHE A 12 7.45 -15.67 -24.02
C PHE A 12 7.74 -15.85 -22.53
N ASN A 13 8.92 -16.34 -22.20
CA ASN A 13 9.26 -16.70 -20.83
C ASN A 13 9.95 -15.59 -20.05
N ALA A 14 9.92 -14.35 -20.54
CA ALA A 14 10.54 -13.25 -19.81
C ALA A 14 9.81 -12.98 -18.49
N THR A 15 10.56 -12.49 -17.49
CA THR A 15 9.95 -12.23 -16.19
C THR A 15 9.08 -10.97 -16.22
N ARG A 16 9.47 -9.97 -17.01
CA ARG A 16 8.72 -8.73 -17.12
C ARG A 16 8.21 -8.55 -18.55
N PHE A 17 6.95 -8.12 -18.66
CA PHE A 17 6.38 -7.70 -19.93
C PHE A 17 6.14 -6.20 -19.89
N ALA A 18 6.12 -5.60 -21.08
CA ALA A 18 5.87 -4.16 -21.18
C ALA A 18 4.39 -3.87 -21.07
N SER A 19 4.08 -2.62 -20.72
CA SER A 19 2.70 -2.18 -20.76
C SER A 19 2.31 -1.80 -22.20
N VAL A 20 1.02 -1.92 -22.50
CA VAL A 20 0.54 -1.93 -23.88
C VAL A 20 0.89 -0.63 -24.61
N TYR A 21 0.90 0.51 -23.90
CA TYR A 21 1.21 1.76 -24.57
C TYR A 21 2.66 1.80 -25.03
N ALA A 22 3.55 1.10 -24.34
CA ALA A 22 4.96 1.02 -24.69
C ALA A 22 5.34 -0.36 -25.20
N TRP A 23 4.44 -0.99 -25.96
CA TRP A 23 4.61 -2.37 -26.39
C TRP A 23 6.02 -2.60 -26.95
N ASN A 24 6.56 -3.77 -26.64
CA ASN A 24 7.95 -4.08 -26.95
C ASN A 24 8.02 -4.87 -28.25
N ARG A 25 9.08 -4.63 -29.02
CA ARG A 25 9.30 -5.29 -30.30
C ARG A 25 10.69 -5.93 -30.33
N LYS A 26 10.74 -7.24 -30.53
CA LYS A 26 11.99 -7.97 -30.68
C LYS A 26 12.10 -8.47 -32.12
N ARG A 27 13.21 -8.14 -32.77
CA ARG A 27 13.45 -8.57 -34.14
C ARG A 27 14.08 -9.94 -34.13
N ILE A 28 13.50 -10.87 -34.88
CA ILE A 28 13.98 -12.24 -34.96
C ILE A 28 14.51 -12.46 -36.36
N SER A 29 15.76 -12.89 -36.48
CA SER A 29 16.36 -13.05 -37.79
C SER A 29 17.63 -13.88 -37.66
N ASN A 30 17.96 -14.59 -38.75
CA ASN A 30 19.15 -15.43 -38.84
C ASN A 30 19.12 -16.52 -37.77
N CYS A 31 18.06 -17.32 -37.80
CA CYS A 31 17.87 -18.39 -36.85
C CYS A 31 16.80 -19.34 -37.37
N VAL A 32 16.68 -20.49 -36.70
CA VAL A 32 15.72 -21.52 -37.07
C VAL A 32 14.62 -21.54 -36.04
N ALA A 33 13.40 -21.23 -36.47
CA ALA A 33 12.27 -21.11 -35.57
C ALA A 33 11.43 -22.38 -35.63
N ASP A 34 11.18 -22.99 -34.47
CA ASP A 34 10.28 -24.13 -34.35
C ASP A 34 8.99 -23.65 -33.70
N TYR A 35 7.92 -23.56 -34.50
CA TYR A 35 6.64 -23.08 -34.02
C TYR A 35 5.79 -24.19 -33.39
N SER A 36 6.27 -25.44 -33.44
CA SER A 36 5.47 -26.56 -32.96
C SER A 36 5.13 -26.39 -31.48
N PHE A 37 6.01 -25.75 -30.71
CA PHE A 37 5.76 -25.55 -29.29
C PHE A 37 4.44 -24.85 -29.03
N LEU A 38 3.85 -24.21 -30.04
CA LEU A 38 2.53 -23.62 -29.85
C LEU A 38 1.45 -24.69 -29.75
N TYR A 39 1.40 -25.61 -30.72
CA TYR A 39 0.26 -26.52 -30.83
C TYR A 39 0.14 -27.37 -29.58
N ASN A 40 1.23 -28.03 -29.18
CA ASN A 40 1.24 -28.91 -28.02
C ASN A 40 1.36 -28.14 -26.71
N SER A 41 1.28 -26.81 -26.73
CA SER A 41 1.38 -26.06 -25.49
C SER A 41 0.21 -26.37 -24.56
N ALA A 42 -1.01 -26.36 -25.10
CA ALA A 42 -2.23 -26.62 -24.35
C ALA A 42 -2.40 -25.69 -23.15
N SER A 43 -1.65 -24.59 -23.12
CA SER A 43 -1.74 -23.60 -22.04
C SER A 43 -1.79 -22.19 -22.61
N PHE A 44 -2.31 -22.04 -23.84
CA PHE A 44 -2.47 -20.76 -24.50
C PHE A 44 -3.96 -20.50 -24.72
N SER A 45 -4.50 -19.52 -24.00
CA SER A 45 -5.93 -19.23 -24.09
C SER A 45 -6.33 -18.69 -25.45
N THR A 46 -5.43 -17.99 -26.13
CA THR A 46 -5.70 -17.38 -27.42
C THR A 46 -4.59 -17.74 -28.39
N PHE A 47 -4.97 -18.24 -29.57
CA PHE A 47 -3.99 -18.57 -30.60
C PHE A 47 -4.72 -18.51 -31.95
N LYS A 48 -4.56 -17.40 -32.66
CA LYS A 48 -5.19 -17.21 -33.95
C LYS A 48 -4.18 -16.58 -34.91
N CYS A 49 -4.17 -17.06 -36.15
CA CYS A 49 -3.26 -16.60 -37.18
C CYS A 49 -4.06 -16.03 -38.34
N TYR A 50 -3.55 -14.95 -38.92
CA TYR A 50 -4.20 -14.25 -40.00
C TYR A 50 -3.26 -14.16 -41.20
N GLY A 51 -3.75 -14.54 -42.38
CA GLY A 51 -2.97 -14.48 -43.60
C GLY A 51 -1.97 -15.60 -43.78
N VAL A 52 -2.01 -16.64 -42.93
CA VAL A 52 -1.09 -17.76 -43.04
C VAL A 52 -1.70 -18.94 -42.30
N SER A 53 -1.36 -20.15 -42.73
CA SER A 53 -1.90 -21.32 -42.06
C SER A 53 -1.15 -21.58 -40.75
N PRO A 54 -1.85 -22.00 -39.70
CA PRO A 54 -1.18 -22.22 -38.42
C PRO A 54 -0.19 -23.37 -38.45
N THR A 55 -0.43 -24.39 -39.27
CA THR A 55 0.43 -25.56 -39.28
C THR A 55 1.53 -25.51 -40.34
N LYS A 56 1.40 -24.64 -41.34
CA LYS A 56 2.39 -24.52 -42.39
C LYS A 56 3.55 -23.58 -42.04
N LEU A 57 3.76 -23.32 -40.76
CA LEU A 57 4.79 -22.36 -40.38
C LEU A 57 6.19 -22.98 -40.51
N ASN A 58 6.32 -24.26 -40.14
CA ASN A 58 7.62 -24.92 -40.21
C ASN A 58 8.11 -25.09 -41.65
N ASP A 59 7.21 -25.03 -42.63
CA ASP A 59 7.56 -25.25 -44.03
C ASP A 59 7.93 -23.97 -44.77
N LEU A 60 7.56 -22.80 -44.24
CA LEU A 60 7.79 -21.53 -44.88
C LEU A 60 8.89 -20.75 -44.17
N CYS A 61 9.62 -19.95 -44.94
CA CYS A 61 10.67 -19.08 -44.44
C CYS A 61 10.27 -17.62 -44.64
N PHE A 62 10.88 -16.73 -43.87
CA PHE A 62 10.62 -15.30 -43.96
C PHE A 62 11.93 -14.54 -43.83
N THR A 63 11.96 -13.33 -44.39
CA THR A 63 13.15 -12.51 -44.30
C THR A 63 13.35 -11.98 -42.89
N ASN A 64 12.27 -11.71 -42.17
CA ASN A 64 12.35 -11.24 -40.80
C ASN A 64 11.10 -11.69 -40.06
N VAL A 65 11.22 -11.79 -38.74
CA VAL A 65 10.10 -12.07 -37.85
C VAL A 65 10.14 -11.07 -36.71
N TYR A 66 8.99 -10.51 -36.36
CA TYR A 66 8.89 -9.48 -35.34
C TYR A 66 7.94 -9.95 -34.25
N ALA A 67 8.44 -9.98 -33.02
CA ALA A 67 7.66 -10.39 -31.85
C ALA A 67 7.32 -9.14 -31.05
N ASP A 68 6.03 -8.82 -31.00
CA ASP A 68 5.50 -7.73 -30.17
C ASP A 68 4.86 -8.33 -28.93
N SER A 69 5.13 -7.71 -27.79
CA SER A 69 4.70 -8.25 -26.50
C SER A 69 4.22 -7.12 -25.60
N PHE A 70 3.17 -7.41 -24.84
CA PHE A 70 2.56 -6.47 -23.90
C PHE A 70 1.57 -7.22 -23.03
N VAL A 71 0.91 -6.49 -22.12
CA VAL A 71 -0.05 -7.06 -21.17
C VAL A 71 -1.32 -6.21 -21.20
N ILE A 72 -2.46 -6.87 -21.33
CA ILE A 72 -3.78 -6.22 -21.32
C ILE A 72 -4.74 -7.11 -20.53
N ARG A 73 -5.98 -6.65 -20.40
CA ARG A 73 -6.99 -7.42 -19.70
C ARG A 73 -7.49 -8.58 -20.58
N GLY A 74 -8.19 -9.52 -19.94
CA GLY A 74 -8.75 -10.66 -20.64
C GLY A 74 -9.72 -10.30 -21.75
N ASP A 75 -10.83 -9.63 -21.41
CA ASP A 75 -11.81 -9.28 -22.42
C ASP A 75 -11.30 -8.27 -23.44
N GLU A 76 -10.06 -7.79 -23.30
CA GLU A 76 -9.46 -6.92 -24.30
C GLU A 76 -8.62 -7.67 -25.32
N VAL A 77 -8.37 -8.97 -25.09
CA VAL A 77 -7.55 -9.75 -26.03
C VAL A 77 -8.20 -9.79 -27.40
N ARG A 78 -9.54 -9.79 -27.45
CA ARG A 78 -10.26 -9.77 -28.71
C ARG A 78 -9.94 -8.55 -29.56
N GLN A 79 -9.39 -7.48 -28.96
CA GLN A 79 -9.03 -6.29 -29.71
C GLN A 79 -7.73 -6.43 -30.49
N ILE A 80 -6.96 -7.50 -30.25
CA ILE A 80 -5.70 -7.71 -30.98
C ILE A 80 -6.05 -8.55 -32.19
N ALA A 81 -6.56 -7.87 -33.21
CA ALA A 81 -7.02 -8.50 -34.44
C ALA A 81 -7.24 -7.43 -35.47
N PRO A 82 -7.16 -7.77 -36.76
CA PRO A 82 -7.39 -6.77 -37.81
C PRO A 82 -8.78 -6.18 -37.71
N GLY A 83 -8.86 -4.88 -38.03
CA GLY A 83 -10.12 -4.16 -38.07
C GLY A 83 -10.96 -4.21 -36.82
N GLN A 84 -10.35 -3.89 -35.68
CA GLN A 84 -11.02 -3.88 -34.40
C GLN A 84 -11.00 -2.45 -33.84
N THR A 85 -11.95 -2.17 -32.96
CA THR A 85 -12.03 -0.88 -32.31
C THR A 85 -12.12 -1.07 -30.80
N GLY A 86 -11.74 -0.01 -30.07
CA GLY A 86 -11.70 -0.05 -28.63
C GLY A 86 -10.52 0.75 -28.10
N LYS A 87 -10.41 0.84 -26.78
CA LYS A 87 -9.33 1.62 -26.17
C LYS A 87 -7.97 1.14 -26.65
N ILE A 88 -7.73 -0.18 -26.57
CA ILE A 88 -6.42 -0.72 -26.88
C ILE A 88 -6.13 -0.64 -28.38
N ALA A 89 -7.10 -0.98 -29.21
CA ALA A 89 -6.87 -0.99 -30.65
C ALA A 89 -6.75 0.42 -31.22
N ASP A 90 -7.42 1.39 -30.59
CA ASP A 90 -7.38 2.76 -31.09
C ASP A 90 -6.19 3.54 -30.55
N TYR A 91 -5.83 3.35 -29.28
CA TYR A 91 -4.85 4.20 -28.62
C TYR A 91 -3.56 3.49 -28.21
N ASN A 92 -3.45 2.18 -28.42
CA ASN A 92 -2.30 1.47 -27.89
C ASN A 92 -1.59 0.57 -28.91
N TYR A 93 -2.32 -0.32 -29.59
CA TYR A 93 -1.71 -1.29 -30.49
C TYR A 93 -2.68 -1.62 -31.60
N LYS A 94 -2.35 -1.22 -32.84
CA LYS A 94 -3.25 -1.36 -33.99
C LYS A 94 -2.64 -2.29 -35.02
N LEU A 95 -3.35 -3.38 -35.31
CA LEU A 95 -2.93 -4.29 -36.38
C LEU A 95 -3.57 -3.86 -37.70
N PRO A 96 -2.84 -3.95 -38.81
CA PRO A 96 -3.41 -3.55 -40.10
C PRO A 96 -4.44 -4.55 -40.59
N ASP A 97 -5.19 -4.14 -41.62
CA ASP A 97 -6.17 -5.04 -42.21
C ASP A 97 -5.48 -6.21 -42.91
N ASP A 98 -4.43 -5.92 -43.67
CA ASP A 98 -3.61 -6.89 -44.41
C ASP A 98 -2.69 -7.72 -43.51
N PHE A 99 -2.90 -7.69 -42.20
CA PHE A 99 -1.99 -8.32 -41.25
C PHE A 99 -1.74 -9.78 -41.59
N THR A 100 -0.47 -10.13 -41.75
CA THR A 100 -0.04 -11.52 -41.95
C THR A 100 0.80 -11.90 -40.74
N GLY A 101 0.19 -12.63 -39.81
CA GLY A 101 0.89 -13.05 -38.61
C GLY A 101 -0.06 -13.76 -37.65
N CYS A 102 0.38 -13.89 -36.40
CA CYS A 102 -0.37 -14.62 -35.39
C CYS A 102 -0.46 -13.81 -34.10
N VAL A 103 -1.43 -14.17 -33.27
CA VAL A 103 -1.65 -13.53 -31.98
C VAL A 103 -1.79 -14.62 -30.93
N ILE A 104 -0.91 -14.60 -29.92
CA ILE A 104 -0.91 -15.59 -28.86
C ILE A 104 -1.07 -14.87 -27.53
N ALA A 105 -1.93 -15.40 -26.66
CA ALA A 105 -2.19 -14.81 -25.37
C ALA A 105 -2.49 -15.90 -24.36
N TRP A 106 -2.18 -15.63 -23.09
CA TRP A 106 -2.42 -16.60 -22.04
C TRP A 106 -2.62 -15.86 -20.73
N ASN A 107 -3.37 -16.48 -19.83
CA ASN A 107 -3.61 -15.89 -18.52
C ASN A 107 -2.30 -15.86 -17.73
N SER A 108 -2.06 -14.71 -17.07
CA SER A 108 -0.85 -14.52 -16.29
C SER A 108 -1.19 -13.90 -14.93
N ASN A 109 -2.36 -14.23 -14.38
CA ASN A 109 -2.79 -13.62 -13.14
C ASN A 109 -1.82 -13.89 -12.01
N ASN A 110 -1.18 -15.07 -12.00
CA ASN A 110 -0.34 -15.44 -10.86
C ASN A 110 0.92 -14.58 -10.78
N LEU A 111 1.52 -14.21 -11.92
CA LEU A 111 2.78 -13.48 -11.89
C LEU A 111 2.64 -12.03 -12.34
N ASP A 112 1.43 -11.56 -12.64
CA ASP A 112 1.22 -10.17 -13.02
C ASP A 112 0.32 -9.38 -12.10
N SER A 113 -0.44 -10.03 -11.23
CA SER A 113 -1.26 -9.34 -10.23
C SER A 113 -0.62 -9.49 -8.86
N LYS A 114 -1.22 -8.81 -7.88
CA LYS A 114 -0.72 -8.76 -6.53
C LYS A 114 -1.85 -8.36 -5.59
N VAL A 115 -1.78 -8.85 -4.35
CA VAL A 115 -2.78 -8.49 -3.35
C VAL A 115 -2.81 -6.98 -3.17
N GLY A 116 -4.01 -6.41 -3.15
CA GLY A 116 -4.14 -4.97 -3.12
C GLY A 116 -4.07 -4.31 -4.48
N GLY A 117 -3.68 -5.05 -5.52
CA GLY A 117 -3.63 -4.53 -6.87
C GLY A 117 -2.23 -4.24 -7.36
N ASN A 118 -1.97 -4.57 -8.62
CA ASN A 118 -0.72 -4.22 -9.29
C ASN A 118 -1.02 -3.05 -10.22
N TYR A 119 -0.50 -1.88 -9.87
CA TYR A 119 -0.76 -0.65 -10.61
C TYR A 119 0.41 -0.26 -11.51
N ASN A 120 1.25 -1.22 -11.91
CA ASN A 120 2.41 -0.91 -12.73
C ASN A 120 2.11 -0.95 -14.21
N TYR A 121 1.21 -1.83 -14.64
CA TYR A 121 0.86 -1.93 -16.06
C TYR A 121 -0.09 -0.80 -16.44
N LEU A 122 0.31 0.00 -17.43
CA LEU A 122 -0.47 1.14 -17.88
C LEU A 122 -1.06 0.88 -19.27
N TYR A 123 -2.05 1.70 -19.60
CA TYR A 123 -2.65 1.74 -20.93
C TYR A 123 -3.04 3.17 -21.24
N ARG A 124 -2.97 3.54 -22.52
CA ARG A 124 -3.30 4.90 -22.92
C ARG A 124 -4.81 5.06 -23.03
N LEU A 125 -5.33 6.10 -22.39
CA LEU A 125 -6.78 6.33 -22.33
C LEU A 125 -7.26 7.46 -23.22
N PHE A 126 -6.38 8.38 -23.64
CA PHE A 126 -6.79 9.53 -24.41
C PHE A 126 -5.77 9.80 -25.51
N ARG A 127 -6.28 10.22 -26.67
CA ARG A 127 -5.44 10.58 -27.81
C ARG A 127 -6.30 11.36 -28.79
N LYS A 128 -5.69 12.36 -29.45
CA LYS A 128 -6.43 13.15 -30.44
C LYS A 128 -6.89 12.29 -31.61
N SER A 129 -5.97 11.58 -32.24
CA SER A 129 -6.26 10.72 -33.37
C SER A 129 -6.01 9.27 -32.99
N ASN A 130 -6.33 8.37 -33.92
CA ASN A 130 -6.10 6.95 -33.73
C ASN A 130 -4.71 6.55 -34.22
N LEU A 131 -4.31 5.35 -33.86
CA LEU A 131 -3.01 4.83 -34.25
C LEU A 131 -3.12 4.13 -35.59
N LYS A 132 -2.29 4.55 -36.55
CA LYS A 132 -2.11 3.77 -37.75
C LYS A 132 -1.36 2.48 -37.40
N PRO A 133 -1.45 1.45 -38.24
CA PRO A 133 -0.92 0.13 -37.86
C PRO A 133 0.53 0.18 -37.41
N PHE A 134 0.80 -0.53 -36.31
CA PHE A 134 2.13 -0.67 -35.72
C PHE A 134 2.73 0.66 -35.29
N GLU A 135 1.89 1.64 -34.98
CA GLU A 135 2.38 2.87 -34.39
C GLU A 135 2.55 2.70 -32.89
N ARG A 136 3.46 3.48 -32.32
CA ARG A 136 3.82 3.37 -30.90
C ARG A 136 3.85 4.79 -30.33
N ASP A 137 2.95 5.08 -29.40
CA ASP A 137 2.85 6.40 -28.77
C ASP A 137 3.21 6.25 -27.29
N ILE A 138 4.32 6.85 -26.89
CA ILE A 138 4.77 6.82 -25.49
C ILE A 138 4.89 8.23 -24.92
N SER A 139 4.28 9.22 -25.55
CA SER A 139 4.34 10.58 -25.02
C SER A 139 3.44 10.69 -23.79
N THR A 140 3.83 11.58 -22.88
CA THR A 140 3.11 11.76 -21.62
C THR A 140 2.51 13.15 -21.48
N GLU A 141 2.14 13.78 -22.59
CA GLU A 141 1.57 15.12 -22.54
C GLU A 141 0.12 15.07 -22.08
N ILE A 142 -0.25 16.00 -21.19
CA ILE A 142 -1.60 16.01 -20.63
C ILE A 142 -2.62 16.28 -21.72
N TYR A 143 -3.66 15.44 -21.76
CA TYR A 143 -4.67 15.48 -22.80
C TYR A 143 -5.72 16.55 -22.49
N GLN A 144 -5.96 17.42 -23.47
CA GLN A 144 -6.97 18.47 -23.35
C GLN A 144 -8.32 17.92 -23.83
N ALA A 145 -9.14 17.45 -22.89
CA ALA A 145 -10.46 16.94 -23.22
C ALA A 145 -11.51 18.02 -23.31
N GLY A 146 -11.27 19.17 -22.68
CA GLY A 146 -12.19 20.28 -22.71
C GLY A 146 -11.80 21.33 -23.73
N SER A 147 -12.43 22.49 -23.62
CA SER A 147 -12.21 23.63 -24.50
C SER A 147 -11.29 24.67 -23.87
N THR A 148 -10.55 24.32 -22.83
CA THR A 148 -9.65 25.23 -22.14
C THR A 148 -8.24 24.68 -22.14
N PRO A 149 -7.22 25.56 -22.17
CA PRO A 149 -5.84 25.09 -22.16
C PRO A 149 -5.46 24.47 -20.83
N CYS A 150 -4.54 23.50 -20.90
CA CYS A 150 -4.04 22.80 -19.73
C CYS A 150 -2.69 23.32 -19.25
N ASN A 151 -1.81 23.67 -20.18
CA ASN A 151 -0.47 24.20 -19.85
C ASN A 151 0.29 23.21 -18.96
N GLY A 152 0.10 21.92 -19.22
CA GLY A 152 0.80 20.89 -18.48
C GLY A 152 0.37 20.75 -17.03
N VAL A 153 -0.81 21.24 -16.67
CA VAL A 153 -1.30 21.18 -15.30
C VAL A 153 -2.52 20.28 -15.26
N GLU A 154 -2.46 19.24 -14.44
CA GLU A 154 -3.57 18.31 -14.29
C GLU A 154 -4.71 18.95 -13.50
N GLY A 155 -5.93 18.53 -13.83
CA GLY A 155 -7.13 19.04 -13.17
C GLY A 155 -8.36 18.74 -14.01
N PHE A 156 -9.36 19.63 -13.92
CA PHE A 156 -10.58 19.45 -14.67
C PHE A 156 -10.31 19.58 -16.16
N ASN A 157 -10.86 18.66 -16.95
CA ASN A 157 -10.73 18.64 -18.40
C ASN A 157 -9.27 18.56 -18.85
N CYS A 158 -8.38 18.13 -17.95
CA CYS A 158 -6.95 18.05 -18.23
C CYS A 158 -6.43 16.79 -17.55
N TYR A 159 -6.29 15.72 -18.33
CA TYR A 159 -6.07 14.39 -17.79
C TYR A 159 -4.71 13.86 -18.24
N PHE A 160 -4.05 13.14 -17.34
CA PHE A 160 -2.83 12.46 -17.73
C PHE A 160 -3.19 11.31 -18.66
N PRO A 161 -2.58 11.22 -19.85
CA PRO A 161 -3.10 10.32 -20.88
C PRO A 161 -2.98 8.85 -20.55
N LEU A 162 -2.25 8.48 -19.51
CA LEU A 162 -2.03 7.08 -19.17
C LEU A 162 -2.76 6.75 -17.88
N GLN A 163 -3.53 5.67 -17.90
CA GLN A 163 -4.20 5.18 -16.70
C GLN A 163 -3.64 3.81 -16.34
N SER A 164 -3.82 3.44 -15.08
CA SER A 164 -3.27 2.20 -14.56
C SER A 164 -4.30 1.08 -14.57
N TYR A 165 -3.80 -0.15 -14.67
CA TYR A 165 -4.66 -1.33 -14.58
C TYR A 165 -4.84 -1.73 -13.14
N GLY A 166 -6.03 -2.23 -12.81
CA GLY A 166 -6.27 -2.67 -11.45
C GLY A 166 -6.24 -4.19 -11.37
N PHE A 167 -5.05 -4.77 -11.35
CA PHE A 167 -4.91 -6.23 -11.39
C PHE A 167 -4.82 -6.77 -9.97
N GLN A 168 -5.94 -7.29 -9.46
CA GLN A 168 -6.03 -8.04 -8.23
C GLN A 168 -6.23 -9.52 -8.53
N PRO A 169 -5.67 -10.41 -7.72
CA PRO A 169 -5.82 -11.85 -8.01
C PRO A 169 -7.27 -12.35 -7.96
N THR A 170 -8.19 -11.56 -7.38
CA THR A 170 -9.57 -11.99 -7.19
C THR A 170 -10.53 -11.30 -8.16
N ASN A 171 -10.06 -10.94 -9.35
CA ASN A 171 -10.90 -10.33 -10.37
C ASN A 171 -11.48 -11.40 -11.28
N GLY A 172 -12.56 -11.04 -11.96
CA GLY A 172 -13.05 -11.88 -13.03
C GLY A 172 -12.02 -12.02 -14.14
N VAL A 173 -12.11 -13.13 -14.88
CA VAL A 173 -11.10 -13.42 -15.90
C VAL A 173 -11.02 -12.29 -16.92
N GLY A 174 -12.11 -11.55 -17.13
CA GLY A 174 -12.07 -10.42 -18.04
C GLY A 174 -11.18 -9.29 -17.54
N TYR A 175 -11.15 -9.08 -16.24
CA TYR A 175 -10.34 -8.02 -15.65
C TYR A 175 -8.99 -8.52 -15.15
N GLN A 176 -8.60 -9.77 -15.53
CA GLN A 176 -7.34 -10.39 -15.15
C GLN A 176 -6.25 -10.06 -16.16
N PRO A 177 -4.99 -10.02 -15.73
CA PRO A 177 -3.91 -9.72 -16.67
C PRO A 177 -3.66 -10.86 -17.64
N TYR A 178 -3.42 -10.50 -18.90
CA TYR A 178 -3.14 -11.46 -19.95
C TYR A 178 -1.92 -11.00 -20.73
N ARG A 179 -0.94 -11.90 -20.87
CA ARG A 179 0.24 -11.61 -21.67
C ARG A 179 0.00 -11.98 -23.12
N VAL A 180 0.42 -11.10 -24.02
CA VAL A 180 0.14 -11.24 -25.45
C VAL A 180 1.44 -11.16 -26.23
N VAL A 181 1.58 -12.04 -27.22
CA VAL A 181 2.70 -12.01 -28.16
C VAL A 181 2.13 -11.97 -29.57
N VAL A 182 2.61 -11.02 -30.37
CA VAL A 182 2.14 -10.84 -31.74
C VAL A 182 3.33 -11.07 -32.67
N LEU A 183 3.27 -12.17 -33.42
CA LEU A 183 4.33 -12.54 -34.36
C LEU A 183 3.94 -12.03 -35.74
N SER A 184 4.71 -11.07 -36.26
CA SER A 184 4.56 -10.59 -37.63
C SER A 184 5.57 -11.30 -38.52
N PHE A 185 5.09 -11.92 -39.59
CA PHE A 185 5.94 -12.56 -40.57
C PHE A 185 6.12 -11.61 -41.73
N GLU A 186 7.37 -11.27 -42.04
CA GLU A 186 7.70 -10.30 -43.05
C GLU A 186 8.37 -11.00 -44.23
N LEU A 187 7.84 -10.79 -45.43
CA LEU A 187 8.43 -11.31 -46.66
C LEU A 187 8.85 -10.15 -47.54
N LEU A 188 10.11 -10.14 -47.94
CA LEU A 188 10.64 -9.04 -48.74
C LEU A 188 11.57 -9.59 -49.82
N HIS A 189 11.89 -8.72 -50.79
CA HIS A 189 12.83 -9.03 -51.85
C HIS A 189 14.21 -9.04 -51.23
N ALA A 190 14.56 -10.18 -50.61
CA ALA A 190 15.76 -10.33 -49.81
C ALA A 190 15.90 -11.79 -49.39
N PRO A 191 17.09 -12.22 -48.97
CA PRO A 191 17.24 -13.62 -48.52
C PRO A 191 16.51 -13.86 -47.21
N ALA A 192 15.70 -14.92 -47.20
CA ALA A 192 14.98 -15.32 -46.01
C ALA A 192 15.95 -15.81 -44.93
N THR A 193 15.69 -15.45 -43.68
CA THR A 193 16.60 -15.79 -42.60
C THR A 193 15.91 -16.42 -41.39
N VAL A 194 14.65 -16.83 -41.52
CA VAL A 194 13.93 -17.49 -40.43
C VAL A 194 13.16 -18.66 -41.04
N CYS A 195 13.59 -19.88 -40.77
CA CYS A 195 12.97 -21.06 -41.32
C CYS A 195 12.61 -22.03 -40.19
N GLY A 196 12.04 -23.17 -40.57
CA GLY A 196 11.82 -24.27 -39.66
C GLY A 196 12.78 -25.39 -39.97
N PRO A 197 12.30 -26.64 -39.92
CA PRO A 197 13.06 -27.84 -40.32
C PRO A 197 13.69 -27.72 -41.71
N ASN B 4 3.78 37.98 -27.23
CA ASN B 4 3.92 36.58 -27.64
C ASN B 4 4.93 35.86 -26.75
N LEU B 5 4.50 35.49 -25.53
CA LEU B 5 5.38 34.91 -24.53
C LEU B 5 5.70 33.45 -24.86
N CYS B 6 6.71 32.92 -24.16
CA CYS B 6 7.21 31.54 -24.20
C CYS B 6 6.51 30.69 -23.14
N PRO B 7 6.23 29.42 -23.46
CA PRO B 7 5.51 28.55 -22.51
C PRO B 7 6.41 27.97 -21.43
N PHE B 8 6.92 28.83 -20.55
CA PHE B 8 7.72 28.36 -19.42
C PHE B 8 6.86 27.79 -18.30
N GLY B 9 5.60 28.21 -18.21
CA GLY B 9 4.70 27.60 -17.24
C GLY B 9 4.53 26.11 -17.47
N GLU B 10 4.52 25.68 -18.74
CA GLU B 10 4.39 24.27 -19.06
C GLU B 10 5.51 23.45 -18.43
N VAL B 11 6.70 24.01 -18.32
CA VAL B 11 7.86 23.24 -17.89
C VAL B 11 8.03 23.27 -16.37
N PHE B 12 7.99 24.46 -15.76
CA PHE B 12 8.28 24.57 -14.34
C PHE B 12 7.09 24.23 -13.47
N ASN B 13 5.89 24.68 -13.83
CA ASN B 13 4.71 24.51 -13.01
C ASN B 13 3.91 23.25 -13.36
N ALA B 14 4.50 22.34 -14.13
CA ALA B 14 3.81 21.10 -14.47
C ALA B 14 3.61 20.23 -13.24
N THR B 15 2.51 19.46 -13.26
CA THR B 15 2.19 18.62 -12.11
C THR B 15 3.08 17.38 -12.03
N ARG B 16 3.45 16.83 -13.18
CA ARG B 16 4.31 15.65 -13.25
C ARG B 16 5.63 15.98 -13.94
N PHE B 17 6.71 15.45 -13.38
CA PHE B 17 8.01 15.49 -14.03
C PHE B 17 8.43 14.08 -14.43
N ALA B 18 9.28 13.99 -15.44
CA ALA B 18 9.76 12.68 -15.85
C ALA B 18 10.88 12.21 -14.93
N SER B 19 11.07 10.90 -14.91
CA SER B 19 12.20 10.34 -14.18
C SER B 19 13.48 10.51 -15.00
N VAL B 20 14.62 10.54 -14.29
CA VAL B 20 15.86 11.02 -14.90
C VAL B 20 16.30 10.15 -16.07
N TYR B 21 16.05 8.84 -16.01
CA TYR B 21 16.47 7.97 -17.11
C TYR B 21 15.71 8.28 -18.39
N ALA B 22 14.48 8.75 -18.25
CA ALA B 22 13.64 9.13 -19.39
C ALA B 22 13.42 10.64 -19.42
N TRP B 23 14.48 11.40 -19.09
CA TRP B 23 14.39 12.86 -18.98
C TRP B 23 13.71 13.45 -20.21
N ASN B 24 12.87 14.45 -19.98
CA ASN B 24 12.03 15.03 -21.01
C ASN B 24 12.69 16.28 -21.60
N ARG B 25 12.49 16.48 -22.90
CA ARG B 25 13.07 17.60 -23.64
C ARG B 25 11.95 18.38 -24.32
N LYS B 26 11.84 19.66 -24.01
CA LYS B 26 10.87 20.55 -24.63
C LYS B 26 11.62 21.58 -25.48
N ARG B 27 11.21 21.72 -26.74
CA ARG B 27 11.82 22.67 -27.66
C ARG B 27 11.12 24.02 -27.55
N ILE B 28 11.92 25.08 -27.38
CA ILE B 28 11.43 26.45 -27.23
C ILE B 28 11.85 27.25 -28.45
N SER B 29 10.88 27.87 -29.13
CA SER B 29 11.18 28.64 -30.33
C SER B 29 9.99 29.53 -30.68
N ASN B 30 10.29 30.65 -31.35
CA ASN B 30 9.29 31.59 -31.85
C ASN B 30 8.44 32.18 -30.73
N CYS B 31 9.10 32.82 -29.78
CA CYS B 31 8.42 33.44 -28.65
C CYS B 31 9.36 34.40 -27.95
N VAL B 32 8.80 35.20 -27.05
CA VAL B 32 9.54 36.18 -26.27
C VAL B 32 9.63 35.68 -24.83
N ALA B 33 10.85 35.43 -24.37
CA ALA B 33 11.10 34.82 -23.06
C ALA B 33 11.51 35.89 -22.05
N ASP B 34 10.87 35.86 -20.88
CA ASP B 34 11.23 36.72 -19.75
C ASP B 34 12.03 35.88 -18.76
N TYR B 35 13.35 36.10 -18.73
CA TYR B 35 14.24 35.31 -17.88
C TYR B 35 14.45 35.90 -16.49
N SER B 36 13.94 37.11 -16.23
CA SER B 36 14.24 37.78 -14.95
C SER B 36 13.67 37.03 -13.76
N PHE B 37 12.49 36.40 -13.91
CA PHE B 37 11.81 35.74 -12.81
C PHE B 37 12.68 34.69 -12.11
N LEU B 38 13.78 34.27 -12.72
CA LEU B 38 14.69 33.34 -12.06
C LEU B 38 15.40 34.00 -10.89
N TYR B 39 16.01 35.17 -11.13
CA TYR B 39 16.88 35.77 -10.13
C TYR B 39 16.10 36.19 -8.88
N ASN B 40 15.00 36.92 -9.05
CA ASN B 40 14.24 37.41 -7.91
C ASN B 40 13.34 36.35 -7.28
N SER B 41 13.43 35.09 -7.72
CA SER B 41 12.60 34.04 -7.13
C SER B 41 13.00 33.79 -5.68
N ALA B 42 14.30 33.69 -5.40
CA ALA B 42 14.84 33.43 -4.07
C ALA B 42 14.31 32.13 -3.47
N SER B 43 13.76 31.24 -4.30
CA SER B 43 13.23 29.96 -3.85
C SER B 43 13.73 28.83 -4.74
N PHE B 44 14.90 29.00 -5.36
CA PHE B 44 15.53 28.00 -6.20
C PHE B 44 16.85 27.60 -5.54
N SER B 45 16.91 26.37 -5.05
CA SER B 45 18.08 25.92 -4.29
C SER B 45 19.34 25.88 -5.14
N THR B 46 19.21 25.63 -6.44
CA THR B 46 20.36 25.52 -7.32
C THR B 46 20.14 26.38 -8.56
N PHE B 47 21.12 27.22 -8.88
CA PHE B 47 21.04 28.06 -10.08
C PHE B 47 22.47 28.39 -10.48
N LYS B 48 22.99 27.68 -11.48
CA LYS B 48 24.35 27.86 -11.95
C LYS B 48 24.36 27.85 -13.47
N CYS B 49 25.16 28.74 -14.05
CA CYS B 49 25.28 28.87 -15.50
C CYS B 49 26.72 28.66 -15.92
N TYR B 50 26.90 27.98 -17.04
CA TYR B 50 28.23 27.68 -17.56
C TYR B 50 28.40 28.18 -18.98
N THR B 55 22.83 37.03 -15.85
CA THR B 55 21.95 38.20 -15.83
C THR B 55 21.85 38.83 -17.22
N LYS B 56 22.79 38.48 -18.09
CA LYS B 56 22.87 39.00 -19.45
C LYS B 56 22.02 38.20 -20.43
N LEU B 57 21.05 37.43 -19.93
CA LEU B 57 20.28 36.53 -20.79
C LEU B 57 19.21 37.27 -21.60
N ASN B 58 18.55 38.26 -21.00
CA ASN B 58 17.45 38.94 -21.69
C ASN B 58 17.90 39.74 -22.91
N ASP B 59 19.17 40.09 -23.00
CA ASP B 59 19.66 40.87 -24.14
C ASP B 59 20.18 40.02 -25.27
N LEU B 60 20.43 38.73 -25.04
CA LEU B 60 20.96 37.85 -26.07
C LEU B 60 19.84 36.96 -26.60
N CYS B 61 19.90 36.67 -27.89
CA CYS B 61 18.92 35.82 -28.54
C CYS B 61 19.59 34.56 -29.07
N PHE B 62 18.77 33.52 -29.30
CA PHE B 62 19.26 32.25 -29.80
C PHE B 62 18.28 31.73 -30.84
N THR B 63 18.79 30.87 -31.72
CA THR B 63 17.93 30.29 -32.76
C THR B 63 16.94 29.28 -32.17
N ASN B 64 17.35 28.58 -31.11
CA ASN B 64 16.49 27.63 -30.43
C ASN B 64 16.91 27.53 -28.98
N VAL B 65 15.97 27.11 -28.13
CA VAL B 65 16.23 26.85 -26.72
C VAL B 65 15.63 25.49 -26.38
N TYR B 66 16.39 24.68 -25.64
CA TYR B 66 15.96 23.33 -25.26
C TYR B 66 15.96 23.23 -23.74
N ALA B 67 14.80 22.92 -23.18
CA ALA B 67 14.62 22.76 -21.74
C ALA B 67 14.47 21.28 -21.41
N ASP B 68 15.42 20.74 -20.66
CA ASP B 68 15.38 19.37 -20.19
C ASP B 68 14.96 19.34 -18.73
N SER B 69 14.07 18.40 -18.39
CA SER B 69 13.48 18.36 -17.04
C SER B 69 13.41 16.92 -16.56
N PHE B 70 13.68 16.73 -15.26
CA PHE B 70 13.66 15.41 -14.63
C PHE B 70 13.72 15.62 -13.11
N VAL B 71 13.76 14.51 -12.39
CA VAL B 71 13.80 14.52 -10.93
C VAL B 71 14.91 13.58 -10.46
N ILE B 72 15.74 14.07 -9.54
CA ILE B 72 16.80 13.29 -8.90
C ILE B 72 16.84 13.67 -7.42
N ARG B 73 17.74 13.05 -6.68
CA ARG B 73 17.89 13.35 -5.26
C ARG B 73 18.67 14.65 -5.06
N GLY B 74 18.60 15.17 -3.84
CA GLY B 74 19.32 16.38 -3.46
C GLY B 74 20.81 16.30 -3.67
N ASP B 75 21.47 15.34 -3.01
CA ASP B 75 22.92 15.22 -3.15
C ASP B 75 23.35 14.75 -4.53
N GLU B 76 22.41 14.45 -5.42
CA GLU B 76 22.75 14.10 -6.80
C GLU B 76 22.72 15.29 -7.74
N VAL B 77 22.23 16.45 -7.28
CA VAL B 77 22.17 17.63 -8.13
C VAL B 77 23.56 18.08 -8.57
N ARG B 78 24.57 17.89 -7.71
CA ARG B 78 25.93 18.27 -8.07
C ARG B 78 26.44 17.56 -9.32
N GLN B 79 25.82 16.43 -9.70
CA GLN B 79 26.23 15.71 -10.89
C GLN B 79 25.73 16.34 -12.18
N ILE B 80 24.85 17.32 -12.09
CA ILE B 80 24.34 18.01 -13.29
C ILE B 80 25.25 19.21 -13.50
N ALA B 81 26.41 18.94 -14.09
CA ALA B 81 27.43 19.95 -14.33
C ALA B 81 28.46 19.36 -15.29
N PRO B 82 29.18 20.22 -16.03
CA PRO B 82 30.22 19.70 -16.93
C PRO B 82 31.28 18.92 -16.17
N GLY B 83 31.76 17.85 -16.79
CA GLY B 83 32.83 17.03 -16.25
C GLY B 83 32.57 16.49 -14.86
N GLN B 84 31.41 15.87 -14.65
CA GLN B 84 31.07 15.24 -13.39
C GLN B 84 30.84 13.74 -13.59
N THR B 85 31.02 12.99 -12.50
CA THR B 85 30.84 11.55 -12.51
C THR B 85 29.93 11.13 -11.36
N GLY B 86 29.34 9.95 -11.51
CA GLY B 86 28.38 9.41 -10.56
C GLY B 86 27.29 8.63 -11.27
N LYS B 87 26.37 8.02 -10.52
CA LYS B 87 25.31 7.22 -11.14
C LYS B 87 24.55 8.03 -12.17
N ILE B 88 24.10 9.23 -11.79
CA ILE B 88 23.25 10.03 -12.67
C ILE B 88 24.04 10.55 -13.86
N ALA B 89 25.27 11.02 -13.62
CA ALA B 89 26.06 11.60 -14.70
C ALA B 89 26.58 10.53 -15.66
N ASP B 90 26.81 9.31 -15.17
CA ASP B 90 27.33 8.25 -16.03
C ASP B 90 26.24 7.49 -16.77
N TYR B 91 25.10 7.23 -16.12
CA TYR B 91 24.08 6.33 -16.68
C TYR B 91 22.77 7.02 -17.03
N ASN B 92 22.60 8.32 -16.76
CA ASN B 92 21.29 8.93 -16.93
C ASN B 92 21.34 10.22 -17.73
N TYR B 93 22.16 11.19 -17.32
CA TYR B 93 22.17 12.50 -17.94
C TYR B 93 23.58 13.07 -17.86
N LYS B 94 24.23 13.23 -19.01
CA LYS B 94 25.62 13.65 -19.07
C LYS B 94 25.70 15.01 -19.75
N LEU B 95 26.24 15.99 -19.03
CA LEU B 95 26.47 17.30 -19.63
C LEU B 95 27.86 17.35 -20.28
N PRO B 96 27.97 17.96 -21.46
CA PRO B 96 29.27 18.04 -22.13
C PRO B 96 30.21 19.00 -21.42
N ASP B 97 31.47 18.93 -21.82
CA ASP B 97 32.47 19.87 -21.27
C ASP B 97 32.24 21.28 -21.79
N ASP B 98 31.96 21.43 -23.08
CA ASP B 98 31.69 22.71 -23.74
C ASP B 98 30.32 23.28 -23.41
N PHE B 99 29.65 22.77 -22.37
CA PHE B 99 28.27 23.12 -22.07
C PHE B 99 28.07 24.63 -22.00
N THR B 100 27.14 25.14 -22.82
CA THR B 100 26.74 26.54 -22.81
C THR B 100 25.27 26.60 -22.41
N GLY B 101 25.02 26.89 -21.14
CA GLY B 101 23.65 26.93 -20.64
C GLY B 101 23.63 27.11 -19.14
N CYS B 102 22.46 26.83 -18.56
CA CYS B 102 22.23 26.99 -17.13
C CYS B 102 21.53 25.75 -16.58
N VAL B 103 21.62 25.59 -15.26
CA VAL B 103 21.02 24.46 -14.55
C VAL B 103 20.24 25.02 -13.37
N ILE B 104 18.94 24.71 -13.32
CA ILE B 104 18.05 25.19 -12.26
C ILE B 104 17.43 23.97 -11.57
N ALA B 105 17.39 24.01 -10.24
CA ALA B 105 16.82 22.92 -9.46
C ALA B 105 16.20 23.48 -8.19
N TRP B 106 15.19 22.77 -7.67
CA TRP B 106 14.51 23.20 -6.46
C TRP B 106 13.91 22.00 -5.74
N ASN B 107 13.77 22.12 -4.42
CA ASN B 107 13.20 21.06 -3.61
C ASN B 107 11.71 20.88 -3.94
N SER B 108 11.29 19.62 -4.03
CA SER B 108 9.91 19.31 -4.36
C SER B 108 9.36 18.19 -3.48
N ASN B 109 9.80 18.13 -2.22
CA ASN B 109 9.37 17.06 -1.32
C ASN B 109 7.85 17.07 -1.11
N ASN B 110 7.25 18.27 -1.08
CA ASN B 110 5.83 18.35 -0.74
C ASN B 110 4.94 17.76 -1.83
N LEU B 111 5.31 17.96 -3.11
CA LEU B 111 4.49 17.53 -4.22
C LEU B 111 5.06 16.37 -5.02
N ASP B 112 6.20 15.81 -4.63
CA ASP B 112 6.75 14.64 -5.30
C ASP B 112 6.89 13.40 -4.42
N SER B 113 6.85 13.55 -3.10
CA SER B 113 6.84 12.42 -2.19
C SER B 113 5.46 12.27 -1.57
N LYS B 114 5.28 11.18 -0.83
CA LYS B 114 3.99 10.91 -0.20
C LYS B 114 4.20 9.89 0.91
N VAL B 115 3.32 9.92 1.91
CA VAL B 115 3.40 8.98 3.02
C VAL B 115 3.40 7.55 2.48
N GLY B 116 4.30 6.73 3.00
CA GLY B 116 4.52 5.39 2.51
C GLY B 116 5.47 5.28 1.34
N GLY B 117 5.84 6.39 0.71
CA GLY B 117 6.81 6.37 -0.36
C GLY B 117 6.25 6.49 -1.78
N ASN B 118 6.93 7.27 -2.62
CA ASN B 118 6.61 7.38 -4.04
C ASN B 118 7.65 6.62 -4.84
N TYR B 119 7.26 5.49 -5.41
CA TYR B 119 8.16 4.62 -6.17
C TYR B 119 7.99 4.76 -7.67
N ASN B 120 7.50 5.91 -8.14
CA ASN B 120 7.28 6.13 -9.57
C ASN B 120 8.50 6.71 -10.27
N TYR B 121 9.28 7.54 -9.60
CA TYR B 121 10.47 8.13 -10.19
C TYR B 121 11.57 7.08 -10.21
N LEU B 122 12.09 6.77 -11.39
CA LEU B 122 13.11 5.75 -11.56
C LEU B 122 14.44 6.38 -11.96
N TYR B 123 15.49 5.58 -11.85
CA TYR B 123 16.82 5.96 -12.32
C TYR B 123 17.54 4.71 -12.81
N ARG B 124 18.43 4.89 -13.78
CA ARG B 124 19.19 3.78 -14.34
C ARG B 124 20.37 3.43 -13.45
N LEU B 125 20.50 2.15 -13.10
CA LEU B 125 21.52 1.67 -12.19
C LEU B 125 22.66 0.92 -12.87
N PHE B 126 22.44 0.41 -14.09
CA PHE B 126 23.44 -0.39 -14.79
C PHE B 126 23.47 -0.04 -16.28
N ARG B 127 24.66 -0.05 -16.84
CA ARG B 127 24.85 0.17 -18.28
C ARG B 127 26.25 -0.31 -18.63
N LYS B 128 26.39 -0.89 -19.83
CA LYS B 128 27.68 -1.41 -20.26
C LYS B 128 28.70 -0.28 -20.37
N SER B 129 28.35 0.78 -21.09
CA SER B 129 29.20 1.95 -21.28
C SER B 129 28.56 3.17 -20.61
N ASN B 130 29.27 4.29 -20.65
CA ASN B 130 28.77 5.55 -20.13
C ASN B 130 28.01 6.30 -21.23
N LEU B 131 27.28 7.33 -20.82
CA LEU B 131 26.49 8.13 -21.74
C LEU B 131 27.31 9.29 -22.31
N LYS B 132 27.35 9.39 -23.64
CA LYS B 132 27.86 10.59 -24.26
C LYS B 132 26.89 11.75 -23.99
N PRO B 133 27.37 12.99 -24.09
CA PRO B 133 26.52 14.13 -23.69
C PRO B 133 25.18 14.13 -24.40
N PHE B 134 24.13 14.39 -23.62
CA PHE B 134 22.75 14.52 -24.12
C PHE B 134 22.23 13.24 -24.77
N GLU B 135 22.77 12.09 -24.38
CA GLU B 135 22.23 10.82 -24.83
C GLU B 135 21.06 10.43 -23.92
N ARG B 136 20.14 9.62 -24.47
CA ARG B 136 18.94 9.23 -23.77
C ARG B 136 18.73 7.73 -23.94
N ASP B 137 18.83 7.00 -22.83
CA ASP B 137 18.69 5.55 -22.82
C ASP B 137 17.41 5.21 -22.03
N ILE B 138 16.44 4.63 -22.73
CA ILE B 138 15.18 4.24 -22.11
C ILE B 138 14.92 2.75 -22.27
N SER B 139 15.96 1.97 -22.56
CA SER B 139 15.81 0.54 -22.74
C SER B 139 15.59 -0.17 -21.41
N THR B 140 14.87 -1.29 -21.47
CA THR B 140 14.57 -2.11 -20.30
C THR B 140 15.24 -3.47 -20.42
N GLU B 141 16.40 -3.52 -21.09
CA GLU B 141 17.07 -4.77 -21.33
C GLU B 141 17.70 -5.27 -20.03
N ILE B 142 17.48 -6.54 -19.72
CA ILE B 142 18.03 -7.09 -18.48
C ILE B 142 19.55 -7.08 -18.55
N TYR B 143 20.18 -6.55 -17.51
CA TYR B 143 21.62 -6.36 -17.50
C TYR B 143 22.31 -7.66 -17.13
N GLN B 144 23.23 -8.11 -17.99
CA GLN B 144 24.00 -9.32 -17.75
C GLN B 144 25.23 -8.92 -16.94
N ALA B 145 25.16 -9.08 -15.63
CA ALA B 145 26.26 -8.75 -14.74
C ALA B 145 27.26 -9.88 -14.57
N GLY B 146 26.85 -11.13 -14.82
CA GLY B 146 27.71 -12.28 -14.68
C GLY B 146 28.29 -12.75 -16.00
N SER B 147 28.83 -13.96 -15.98
CA SER B 147 29.40 -14.60 -17.15
C SER B 147 28.46 -15.61 -17.80
N THR B 148 27.18 -15.56 -17.46
CA THR B 148 26.17 -16.45 -18.01
C THR B 148 25.05 -15.64 -18.66
N PRO B 149 24.42 -16.17 -19.70
CA PRO B 149 23.34 -15.43 -20.36
C PRO B 149 22.10 -15.33 -19.47
N CYS B 150 21.34 -14.26 -19.66
CA CYS B 150 20.13 -14.01 -18.89
C CYS B 150 18.87 -14.46 -19.59
N ASN B 151 18.80 -14.30 -20.92
CA ASN B 151 17.65 -14.74 -21.72
C ASN B 151 16.35 -14.09 -21.22
N GLY B 152 16.46 -12.83 -20.79
CA GLY B 152 15.30 -12.10 -20.33
C GLY B 152 14.71 -12.56 -19.01
N VAL B 153 15.45 -13.29 -18.19
CA VAL B 153 14.96 -13.82 -16.91
C VAL B 153 15.75 -13.16 -15.78
N GLU B 154 15.03 -12.49 -14.87
CA GLU B 154 15.67 -11.87 -13.72
C GLU B 154 16.07 -12.92 -12.69
N GLY B 155 17.15 -12.63 -11.96
CA GLY B 155 17.67 -13.54 -10.95
C GLY B 155 19.11 -13.18 -10.61
N PHE B 156 19.89 -14.22 -10.29
CA PHE B 156 21.29 -14.01 -9.95
C PHE B 156 22.05 -13.51 -11.16
N ASN B 157 22.86 -12.47 -10.96
CA ASN B 157 23.72 -11.87 -11.99
C ASN B 157 22.94 -11.38 -13.19
N CYS B 158 21.63 -11.17 -13.04
CA CYS B 158 20.75 -10.74 -14.13
C CYS B 158 19.76 -9.75 -13.54
N TYR B 159 20.04 -8.46 -13.69
CA TYR B 159 19.35 -7.43 -12.93
C TYR B 159 18.57 -6.51 -13.86
N PHE B 160 17.39 -6.09 -13.40
CA PHE B 160 16.62 -5.09 -14.13
C PHE B 160 17.34 -3.75 -14.06
N PRO B 161 17.63 -3.10 -15.19
CA PRO B 161 18.55 -1.96 -15.17
C PRO B 161 17.99 -0.72 -14.48
N LEU B 162 16.70 -0.69 -14.15
CA LEU B 162 16.07 0.49 -13.57
C LEU B 162 15.66 0.22 -12.13
N GLN B 163 16.07 1.12 -11.23
CA GLN B 163 15.66 1.07 -9.83
C GLN B 163 14.85 2.31 -9.49
N SER B 164 14.09 2.20 -8.41
CA SER B 164 13.20 3.25 -7.93
C SER B 164 13.91 4.08 -6.86
N TYR B 165 13.44 5.31 -6.69
CA TYR B 165 14.01 6.17 -5.66
C TYR B 165 13.39 5.91 -4.28
N GLY B 166 12.06 5.97 -4.19
CA GLY B 166 11.42 5.81 -2.91
C GLY B 166 11.52 7.09 -2.11
N PHE B 167 10.67 8.05 -2.43
CA PHE B 167 10.70 9.38 -1.84
C PHE B 167 9.77 9.42 -0.64
N GLN B 168 10.34 9.48 0.55
CA GLN B 168 9.61 9.63 1.80
C GLN B 168 9.59 11.09 2.23
N PRO B 169 8.47 11.55 2.77
CA PRO B 169 8.39 12.96 3.20
C PRO B 169 9.32 13.32 4.35
N THR B 170 9.81 12.32 5.09
CA THR B 170 10.61 12.56 6.29
C THR B 170 12.09 12.22 6.08
N ASN B 171 12.58 12.37 4.86
CA ASN B 171 13.98 12.09 4.57
C ASN B 171 14.82 13.36 4.70
N GLY B 172 16.12 13.16 4.87
CA GLY B 172 17.05 14.27 4.82
C GLY B 172 17.04 14.95 3.46
N VAL B 173 17.44 16.22 3.44
CA VAL B 173 17.37 17.01 2.22
C VAL B 173 18.16 16.36 1.10
N GLY B 174 19.19 15.57 1.42
CA GLY B 174 19.92 14.85 0.40
C GLY B 174 19.11 13.75 -0.27
N TYR B 175 18.23 13.09 0.49
CA TYR B 175 17.42 11.99 -0.01
C TYR B 175 16.03 12.44 -0.44
N GLN B 176 15.80 13.77 -0.52
CA GLN B 176 14.53 14.37 -0.92
C GLN B 176 14.48 14.59 -2.43
N PRO B 177 13.29 14.53 -3.03
CA PRO B 177 13.18 14.74 -4.48
C PRO B 177 13.43 16.20 -4.86
N TYR B 178 14.15 16.37 -5.96
CA TYR B 178 14.49 17.69 -6.48
C TYR B 178 14.21 17.73 -7.98
N ARG B 179 13.43 18.71 -8.42
CA ARG B 179 13.13 18.89 -9.84
C ARG B 179 14.21 19.76 -10.48
N VAL B 180 14.67 19.34 -11.66
CA VAL B 180 15.81 19.96 -12.33
C VAL B 180 15.39 20.40 -13.73
N VAL B 181 15.83 21.60 -14.13
CA VAL B 181 15.64 22.09 -15.48
C VAL B 181 17.00 22.53 -16.02
N VAL B 182 17.35 22.06 -17.21
CA VAL B 182 18.62 22.36 -17.85
C VAL B 182 18.32 23.08 -19.16
N LEU B 183 18.69 24.35 -19.24
CA LEU B 183 18.44 25.18 -20.42
C LEU B 183 19.66 25.15 -21.32
N SER B 184 19.51 24.57 -22.51
CA SER B 184 20.54 24.57 -23.53
C SER B 184 20.24 25.68 -24.55
N PHE B 185 21.21 26.56 -24.75
CA PHE B 185 21.11 27.64 -25.73
C PHE B 185 21.83 27.22 -27.00
N GLU B 186 21.10 27.21 -28.11
CA GLU B 186 21.65 26.77 -29.40
C GLU B 186 21.77 27.95 -30.34
N LEU B 187 22.97 28.16 -30.88
CA LEU B 187 23.25 29.21 -31.86
C LEU B 187 23.67 28.56 -33.17
N LEU B 188 22.97 28.92 -34.24
CA LEU B 188 23.20 28.34 -35.56
C LEU B 188 23.07 29.43 -36.62
N HIS B 189 23.49 29.08 -37.84
CA HIS B 189 23.35 29.96 -38.99
C HIS B 189 21.88 30.02 -39.41
N ALA B 190 21.10 30.89 -38.76
CA ALA B 190 19.66 30.99 -38.93
C ALA B 190 19.13 32.17 -38.14
N PRO B 191 17.93 32.69 -38.44
CA PRO B 191 17.39 33.80 -37.66
C PRO B 191 17.03 33.38 -36.24
N ALA B 192 17.52 34.13 -35.26
CA ALA B 192 17.17 33.87 -33.86
C ALA B 192 15.70 34.19 -33.61
N THR B 193 15.06 33.35 -32.80
CA THR B 193 13.62 33.46 -32.57
C THR B 193 13.24 33.46 -31.08
N VAL B 194 14.21 33.63 -30.17
CA VAL B 194 13.93 33.67 -28.74
C VAL B 194 14.71 34.84 -28.16
N CYS B 195 14.01 35.92 -27.83
CA CYS B 195 14.61 37.14 -27.30
C CYS B 195 13.88 37.56 -26.02
N GLY B 196 14.31 38.69 -25.46
CA GLY B 196 13.62 39.31 -24.35
C GLY B 196 12.91 40.59 -24.77
N PRO B 197 12.94 41.61 -23.90
CA PRO B 197 12.40 42.95 -24.18
C PRO B 197 12.90 43.53 -25.51
N ASP C 1 -2.23 30.39 -10.89
CA ASP C 1 -3.29 30.56 -9.91
C ASP C 1 -3.97 31.92 -10.05
N ILE C 2 -5.15 31.91 -10.65
CA ILE C 2 -5.91 33.13 -10.90
C ILE C 2 -6.63 33.55 -9.62
N GLN C 3 -6.49 34.83 -9.25
CA GLN C 3 -7.11 35.37 -8.05
C GLN C 3 -8.40 36.05 -8.45
N MET C 4 -9.50 35.63 -7.84
CA MET C 4 -10.82 36.22 -8.08
C MET C 4 -11.18 37.11 -6.89
N THR C 5 -11.28 38.41 -7.13
CA THR C 5 -11.58 39.39 -6.10
C THR C 5 -12.96 39.99 -6.34
N GLN C 6 -13.79 39.97 -5.31
CA GLN C 6 -15.17 40.45 -5.41
C GLN C 6 -15.31 41.83 -4.78
N SER C 7 -16.32 42.58 -5.25
CA SER C 7 -16.64 43.91 -4.74
C SER C 7 -18.14 44.13 -4.77
N PRO C 8 -18.75 44.60 -3.67
CA PRO C 8 -18.05 44.88 -2.43
C PRO C 8 -18.02 43.66 -1.52
N SER C 9 -17.32 43.75 -0.39
CA SER C 9 -17.28 42.63 0.54
C SER C 9 -18.62 42.45 1.23
N SER C 10 -19.21 43.55 1.71
CA SER C 10 -20.54 43.53 2.29
C SER C 10 -21.41 44.56 1.58
N LEU C 11 -22.72 44.33 1.61
CA LEU C 11 -23.67 45.21 0.94
C LEU C 11 -24.98 45.19 1.71
N SER C 12 -25.56 46.36 1.90
CA SER C 12 -26.81 46.52 2.63
C SER C 12 -27.89 46.99 1.66
N ALA C 13 -28.96 46.22 1.56
CA ALA C 13 -30.05 46.50 0.64
C ALA C 13 -31.37 46.08 1.27
N SER C 14 -32.46 46.59 0.71
CA SER C 14 -33.82 46.27 1.17
C SER C 14 -34.56 45.56 0.05
N VAL C 15 -35.70 44.96 0.42
CA VAL C 15 -36.49 44.20 -0.55
C VAL C 15 -36.96 45.11 -1.68
N GLY C 16 -36.79 44.63 -2.91
CA GLY C 16 -37.15 45.36 -4.11
C GLY C 16 -36.08 46.26 -4.66
N ASP C 17 -34.85 46.17 -4.16
CA ASP C 17 -33.74 46.95 -4.67
C ASP C 17 -33.02 46.17 -5.77
N ARG C 18 -32.29 46.90 -6.61
CA ARG C 18 -31.42 46.31 -7.63
C ARG C 18 -29.99 46.25 -7.09
N VAL C 19 -29.46 45.04 -6.99
CA VAL C 19 -28.16 44.80 -6.37
C VAL C 19 -27.21 44.27 -7.43
N THR C 20 -26.00 44.83 -7.49
CA THR C 20 -24.96 44.40 -8.42
C THR C 20 -23.69 44.04 -7.65
N ILE C 21 -23.12 42.88 -7.97
CA ILE C 21 -21.90 42.37 -7.36
C ILE C 21 -20.90 42.14 -8.46
N THR C 22 -19.72 42.76 -8.36
CA THR C 22 -18.70 42.67 -9.40
C THR C 22 -17.62 41.69 -8.97
N CYS C 23 -17.08 40.97 -9.94
CA CYS C 23 -16.07 39.94 -9.73
C CYS C 23 -14.97 40.13 -10.77
N ARG C 24 -13.72 40.25 -10.32
CA ARG C 24 -12.60 40.52 -11.21
C ARG C 24 -11.55 39.41 -11.10
N ALA C 25 -11.06 38.95 -12.25
CA ALA C 25 -10.03 37.94 -12.34
C ALA C 25 -8.66 38.57 -12.61
N SER C 26 -7.62 37.96 -12.05
CA SER C 26 -6.26 38.46 -12.25
C SER C 26 -5.82 38.35 -13.71
N GLN C 27 -6.49 37.51 -14.49
CA GLN C 27 -6.20 37.36 -15.91
C GLN C 27 -7.46 36.85 -16.59
N SER C 28 -7.48 36.99 -17.92
CA SER C 28 -8.68 36.68 -18.69
C SER C 28 -9.09 35.21 -18.54
N ILE C 29 -10.39 34.99 -18.36
CA ILE C 29 -10.92 33.64 -18.19
C ILE C 29 -12.09 33.43 -19.16
N SER C 30 -12.18 34.30 -20.17
CA SER C 30 -13.23 34.25 -21.20
C SER C 30 -14.58 34.37 -20.48
N SER C 31 -15.51 33.44 -20.67
CA SER C 31 -16.80 33.45 -19.97
C SER C 31 -16.97 32.23 -19.07
N TYR C 32 -15.86 31.69 -18.57
CA TYR C 32 -15.88 30.52 -17.68
C TYR C 32 -15.94 31.00 -16.22
N LEU C 33 -17.11 31.54 -15.88
CA LEU C 33 -17.35 32.16 -14.59
C LEU C 33 -18.70 31.68 -14.08
N ASN C 34 -18.76 31.29 -12.80
CA ASN C 34 -19.99 30.81 -12.19
C ASN C 34 -20.28 31.61 -10.93
N TRP C 35 -21.58 31.74 -10.64
CA TRP C 35 -22.07 32.40 -9.43
C TRP C 35 -22.84 31.40 -8.59
N TYR C 36 -22.48 31.32 -7.30
CA TYR C 36 -23.08 30.44 -6.31
C TYR C 36 -23.66 31.25 -5.16
N GLN C 37 -24.76 30.76 -4.61
CA GLN C 37 -25.38 31.35 -3.42
C GLN C 37 -25.19 30.39 -2.25
N GLN C 38 -24.87 30.93 -1.08
CA GLN C 38 -24.74 30.14 0.13
C GLN C 38 -25.31 30.91 1.32
N LYS C 39 -26.12 30.21 2.12
CA LYS C 39 -26.72 30.68 3.35
C LYS C 39 -26.03 30.05 4.56
N PRO C 40 -26.00 30.73 5.70
CA PRO C 40 -25.26 30.21 6.86
C PRO C 40 -25.76 28.84 7.30
N GLY C 41 -24.81 27.90 7.40
CA GLY C 41 -25.10 26.55 7.83
C GLY C 41 -25.43 25.56 6.74
N LYS C 42 -25.85 26.03 5.56
CA LYS C 42 -26.29 25.13 4.50
C LYS C 42 -25.28 25.11 3.36
N ALA C 43 -25.48 24.17 2.44
CA ALA C 43 -24.57 24.01 1.32
C ALA C 43 -24.83 25.04 0.22
N PRO C 44 -23.86 25.29 -0.64
CA PRO C 44 -24.06 26.25 -1.72
C PRO C 44 -24.94 25.69 -2.83
N LYS C 45 -25.66 26.59 -3.49
CA LYS C 45 -26.51 26.27 -4.63
C LYS C 45 -26.03 27.06 -5.84
N LEU C 46 -26.01 26.40 -6.98
CA LEU C 46 -25.59 27.05 -8.22
C LEU C 46 -26.66 28.02 -8.70
N LEU C 47 -26.23 29.19 -9.14
CA LEU C 47 -27.09 30.20 -9.75
C LEU C 47 -26.78 30.40 -11.23
N ILE C 48 -25.53 30.69 -11.56
CA ILE C 48 -25.15 31.00 -12.93
C ILE C 48 -23.93 30.14 -13.26
N TYR C 49 -23.89 29.57 -14.46
CA TYR C 49 -22.76 28.70 -14.81
C TYR C 49 -22.02 29.04 -16.09
N ALA C 50 -22.49 29.94 -16.92
CA ALA C 50 -21.73 30.26 -18.12
C ALA C 50 -21.56 31.76 -18.20
N ALA C 51 -21.19 32.37 -17.06
CA ALA C 51 -21.07 33.81 -16.88
C ALA C 51 -22.45 34.45 -16.94
N SER C 52 -23.38 33.83 -17.65
CA SER C 52 -24.70 34.40 -17.87
C SER C 52 -25.84 33.39 -17.88
N SER C 53 -25.58 32.09 -18.03
CA SER C 53 -26.66 31.11 -18.15
C SER C 53 -27.34 30.88 -16.81
N LEU C 54 -28.67 30.93 -16.82
CA LEU C 54 -29.46 30.73 -15.60
C LEU C 54 -29.63 29.24 -15.33
N GLN C 55 -29.30 28.83 -14.11
CA GLN C 55 -29.52 27.45 -13.69
C GLN C 55 -31.01 27.19 -13.56
N SER C 56 -31.44 26.03 -14.06
CA SER C 56 -32.86 25.68 -14.00
C SER C 56 -33.37 25.73 -12.58
N GLY C 57 -34.50 26.39 -12.38
CA GLY C 57 -35.08 26.57 -11.06
C GLY C 57 -34.70 27.86 -10.36
N VAL C 58 -33.97 28.76 -11.01
CA VAL C 58 -33.59 30.03 -10.41
C VAL C 58 -34.45 31.14 -10.99
N PRO C 59 -34.99 32.05 -10.18
CA PRO C 59 -35.81 33.14 -10.72
C PRO C 59 -35.08 33.99 -11.72
N SER C 60 -35.84 34.58 -12.64
CA SER C 60 -35.28 35.37 -13.74
C SER C 60 -34.61 36.65 -13.25
N ARG C 61 -34.90 37.08 -12.01
CA ARG C 61 -34.30 38.31 -11.51
C ARG C 61 -32.79 38.21 -11.35
N PHE C 62 -32.24 37.00 -11.30
CA PHE C 62 -30.79 36.82 -11.30
C PHE C 62 -30.28 36.82 -12.73
N SER C 63 -29.25 37.63 -13.01
CA SER C 63 -28.64 37.62 -14.32
C SER C 63 -27.15 37.92 -14.18
N GLY C 64 -26.35 37.16 -14.92
CA GLY C 64 -24.90 37.36 -14.97
C GLY C 64 -24.50 37.97 -16.28
N SER C 65 -23.52 38.87 -16.23
CA SER C 65 -22.94 39.49 -17.41
C SER C 65 -21.43 39.59 -17.21
N GLY C 66 -20.74 39.93 -18.29
CA GLY C 66 -19.31 40.14 -18.22
C GLY C 66 -18.52 39.08 -18.98
N SER C 67 -17.26 39.39 -19.22
CA SER C 67 -16.41 38.51 -19.99
C SER C 67 -14.96 38.97 -19.88
N GLY C 68 -14.05 38.00 -19.95
CA GLY C 68 -12.64 38.30 -19.82
C GLY C 68 -12.20 38.38 -18.38
N THR C 69 -12.14 39.59 -17.83
CA THR C 69 -11.69 39.81 -16.46
C THR C 69 -12.74 40.44 -15.56
N ASP C 70 -13.81 41.01 -16.11
CA ASP C 70 -14.83 41.69 -15.33
C ASP C 70 -16.16 41.00 -15.52
N PHE C 71 -16.82 40.69 -14.40
CA PHE C 71 -18.11 40.01 -14.42
C PHE C 71 -19.00 40.67 -13.38
N THR C 72 -20.31 40.55 -13.58
CA THR C 72 -21.27 41.18 -12.70
C THR C 72 -22.50 40.28 -12.54
N LEU C 73 -22.85 39.99 -11.29
CA LEU C 73 -24.11 39.36 -10.97
C LEU C 73 -25.08 40.45 -10.53
N THR C 74 -26.22 40.52 -11.22
CA THR C 74 -27.23 41.55 -10.96
C THR C 74 -28.50 40.83 -10.54
N ILE C 75 -29.12 41.31 -9.47
CA ILE C 75 -30.42 40.83 -9.06
C ILE C 75 -31.36 42.03 -8.98
N SER C 76 -32.38 42.03 -9.84
CA SER C 76 -33.37 43.08 -9.87
CA SER C 76 -33.37 43.08 -9.87
C SER C 76 -34.54 42.72 -8.97
N SER C 77 -35.01 43.70 -8.20
CA SER C 77 -36.12 43.50 -7.27
C SER C 77 -35.78 42.38 -6.29
N LEU C 78 -34.80 42.67 -5.44
CA LEU C 78 -34.39 41.76 -4.38
C LEU C 78 -35.60 41.27 -3.59
N GLN C 79 -35.58 40.00 -3.22
CA GLN C 79 -36.66 39.34 -2.50
C GLN C 79 -36.16 38.86 -1.14
N PRO C 80 -37.06 38.60 -0.20
CA PRO C 80 -36.61 38.24 1.16
C PRO C 80 -35.73 36.99 1.21
N GLU C 81 -36.00 35.98 0.39
CA GLU C 81 -35.20 34.76 0.40
C GLU C 81 -33.90 34.90 -0.39
N ASP C 82 -33.49 36.12 -0.72
CA ASP C 82 -32.26 36.34 -1.48
C ASP C 82 -31.12 36.88 -0.64
N PHE C 83 -31.35 37.20 0.63
CA PHE C 83 -30.28 37.65 1.52
C PHE C 83 -29.39 36.47 1.87
N ALA C 84 -28.14 36.52 1.42
CA ALA C 84 -27.20 35.40 1.54
C ALA C 84 -25.82 35.91 1.12
N THR C 85 -24.85 34.99 1.02
CA THR C 85 -23.52 35.31 0.53
C THR C 85 -23.34 34.73 -0.88
N TYR C 86 -22.73 35.52 -1.77
CA TYR C 86 -22.59 35.14 -3.18
C TYR C 86 -21.11 35.02 -3.55
N TYR C 87 -20.75 33.90 -4.17
CA TYR C 87 -19.37 33.59 -4.55
C TYR C 87 -19.28 33.47 -6.07
N CYS C 88 -18.22 34.06 -6.64
CA CYS C 88 -17.88 33.81 -8.03
C CYS C 88 -16.71 32.85 -8.10
N GLN C 89 -16.67 32.04 -9.17
CA GLN C 89 -15.68 30.99 -9.29
C GLN C 89 -15.34 30.76 -10.76
N GLN C 90 -14.04 30.68 -11.06
CA GLN C 90 -13.55 30.55 -12.42
C GLN C 90 -13.17 29.10 -12.73
N SER C 91 -13.40 28.71 -13.99
CA SER C 91 -13.11 27.37 -14.48
C SER C 91 -12.17 27.36 -15.68
N TYR C 92 -11.49 28.48 -15.96
CA TYR C 92 -10.66 28.54 -17.14
C TYR C 92 -9.37 27.74 -16.96
N SER C 93 -8.71 27.93 -15.82
CA SER C 93 -7.42 27.30 -15.55
C SER C 93 -7.46 26.56 -14.23
N ASN C 94 -6.81 25.40 -14.19
CA ASN C 94 -6.62 24.69 -12.93
C ASN C 94 -5.48 25.33 -12.15
N PRO C 95 -5.62 25.46 -10.83
CA PRO C 95 -6.79 25.02 -10.08
C PRO C 95 -7.93 26.04 -10.13
N TRP C 96 -9.15 25.55 -10.01
CA TRP C 96 -10.31 26.43 -9.93
C TRP C 96 -10.28 27.23 -8.64
N THR C 97 -10.58 28.51 -8.72
CA THR C 97 -10.49 29.41 -7.58
C THR C 97 -11.80 30.16 -7.41
N PHE C 98 -12.17 30.40 -6.16
CA PHE C 98 -13.36 31.17 -5.82
C PHE C 98 -12.99 32.58 -5.39
N GLY C 99 -14.00 33.45 -5.35
CA GLY C 99 -13.83 34.75 -4.73
C GLY C 99 -14.06 34.68 -3.22
N GLN C 100 -13.74 35.78 -2.54
CA GLN C 100 -13.86 35.81 -1.08
C GLN C 100 -15.30 35.92 -0.61
N GLY C 101 -16.24 36.24 -1.50
CA GLY C 101 -17.64 36.29 -1.17
C GLY C 101 -18.16 37.71 -0.98
N THR C 102 -19.47 37.85 -1.13
CA THR C 102 -20.17 39.11 -0.90
C THR C 102 -21.43 38.80 -0.12
N LYS C 103 -21.55 39.37 1.08
CA LYS C 103 -22.70 39.14 1.91
C LYS C 103 -23.73 40.23 1.65
N VAL C 104 -24.96 39.84 1.32
CA VAL C 104 -26.05 40.78 1.08
C VAL C 104 -26.95 40.73 2.30
N GLU C 105 -26.95 41.81 3.08
CA GLU C 105 -27.67 41.87 4.34
C GLU C 105 -28.87 42.80 4.23
N ILE C 106 -29.85 42.58 5.12
CA ILE C 106 -31.04 43.40 5.16
C ILE C 106 -30.70 44.79 5.68
N LYS C 107 -31.23 45.81 5.03
CA LYS C 107 -31.06 47.18 5.46
C LYS C 107 -32.26 47.61 6.30
N ARG C 108 -31.98 48.28 7.42
CA ARG C 108 -33.03 48.77 8.28
C ARG C 108 -32.56 50.06 8.95
N THR C 109 -33.46 50.67 9.71
CA THR C 109 -33.13 51.89 10.42
C THR C 109 -32.18 51.61 11.58
N VAL C 110 -31.43 52.64 11.98
CA VAL C 110 -30.46 52.48 13.06
C VAL C 110 -31.19 52.15 14.36
N ALA C 111 -30.68 51.16 15.08
CA ALA C 111 -31.28 50.71 16.33
C ALA C 111 -30.18 50.49 17.35
N ALA C 112 -30.29 51.14 18.52
CA ALA C 112 -29.28 51.02 19.56
C ALA C 112 -29.43 49.69 20.31
N PRO C 113 -28.32 49.14 20.79
CA PRO C 113 -28.39 47.91 21.58
C PRO C 113 -28.87 48.17 22.99
N SER C 114 -29.47 47.13 23.57
CA SER C 114 -29.71 47.09 25.00
C SER C 114 -28.51 46.39 25.64
N VAL C 115 -27.87 47.04 26.59
CA VAL C 115 -26.59 46.59 27.13
C VAL C 115 -26.81 45.99 28.52
N PHE C 116 -26.34 44.77 28.70
CA PHE C 116 -26.43 44.06 29.97
C PHE C 116 -25.05 43.55 30.37
N ILE C 117 -24.81 43.40 31.67
CA ILE C 117 -23.53 42.90 32.17
C ILE C 117 -23.78 41.83 33.23
N PHE C 118 -22.97 40.77 33.19
CA PHE C 118 -23.15 39.60 34.03
C PHE C 118 -21.83 39.30 34.73
N PRO C 119 -21.79 39.36 36.06
CA PRO C 119 -20.60 38.93 36.80
C PRO C 119 -20.47 37.42 36.79
N PRO C 120 -19.31 36.89 37.18
CA PRO C 120 -19.13 35.43 37.20
C PRO C 120 -19.94 34.79 38.32
N SER C 121 -20.51 33.62 38.02
CA SER C 121 -21.20 32.86 39.04
C SER C 121 -20.22 32.39 40.10
N ASP C 122 -20.71 32.28 41.34
CA ASP C 122 -19.88 31.77 42.43
C ASP C 122 -19.32 30.40 42.12
N GLU C 123 -20.06 29.58 41.37
CA GLU C 123 -19.58 28.26 40.99
C GLU C 123 -18.30 28.37 40.15
N GLN C 124 -18.32 29.21 39.11
CA GLN C 124 -17.15 29.36 38.27
C GLN C 124 -15.97 29.95 39.04
N LEU C 125 -16.23 30.87 39.97
CA LEU C 125 -15.15 31.40 40.80
C LEU C 125 -14.52 30.29 41.65
N LYS C 126 -15.35 29.45 42.26
CA LYS C 126 -14.82 28.30 43.00
C LYS C 126 -14.02 27.38 42.09
N SER C 127 -14.35 27.34 40.80
CA SER C 127 -13.56 26.51 39.88
C SER C 127 -12.17 27.11 39.67
N GLY C 128 -12.02 28.43 39.79
CA GLY C 128 -10.72 29.06 39.66
C GLY C 128 -10.58 30.16 38.62
N THR C 129 -11.53 30.28 37.68
CA THR C 129 -11.53 31.33 36.67
C THR C 129 -12.82 32.13 36.76
N ALA C 130 -12.81 33.33 36.18
CA ALA C 130 -13.93 34.26 36.23
C ALA C 130 -14.22 34.79 34.83
N SER C 131 -15.49 34.68 34.42
CA SER C 131 -15.94 35.15 33.11
C SER C 131 -16.99 36.23 33.31
N VAL C 132 -16.69 37.43 32.82
CA VAL C 132 -17.61 38.55 32.84
C VAL C 132 -18.18 38.70 31.44
N VAL C 133 -19.50 38.73 31.33
CA VAL C 133 -20.17 38.72 30.04
C VAL C 133 -20.85 40.06 29.84
N CYS C 134 -20.61 40.69 28.70
CA CYS C 134 -21.34 41.89 28.31
C CYS C 134 -22.15 41.58 27.07
N LEU C 135 -23.42 41.98 27.07
CA LEU C 135 -24.37 41.61 26.04
C LEU C 135 -24.95 42.86 25.41
N LEU C 136 -24.82 42.99 24.10
CA LEU C 136 -25.46 44.04 23.32
C LEU C 136 -26.58 43.39 22.50
N ASN C 137 -27.82 43.82 22.76
CA ASN C 137 -29.00 43.11 22.30
C ASN C 137 -29.75 43.94 21.26
N ASN C 138 -30.00 43.32 20.09
CA ASN C 138 -30.95 43.79 19.06
C ASN C 138 -30.58 45.17 18.51
N PHE C 139 -29.38 45.28 17.95
CA PHE C 139 -28.90 46.53 17.40
C PHE C 139 -28.65 46.40 15.90
N TYR C 140 -28.53 47.56 15.24
CA TYR C 140 -28.21 47.68 13.83
C TYR C 140 -27.64 49.07 13.58
N PRO C 141 -26.54 49.20 12.83
CA PRO C 141 -25.84 48.11 12.13
C PRO C 141 -24.92 47.31 13.05
N ARG C 142 -24.14 46.36 12.52
CA ARG C 142 -23.31 45.49 13.33
C ARG C 142 -22.01 46.15 13.79
N GLU C 143 -21.62 47.27 13.20
CA GLU C 143 -20.38 47.94 13.60
C GLU C 143 -20.59 48.56 14.99
N ALA C 144 -19.93 47.97 15.99
CA ALA C 144 -20.00 48.44 17.36
C ALA C 144 -18.65 48.21 18.01
N LYS C 145 -18.29 49.06 18.96
CA LYS C 145 -17.02 48.94 19.67
C LYS C 145 -17.32 48.67 21.14
N VAL C 146 -16.64 47.66 21.69
CA VAL C 146 -16.86 47.24 23.07
C VAL C 146 -15.51 47.21 23.77
N GLN C 147 -15.36 48.00 24.82
CA GLN C 147 -14.15 48.05 25.62
C GLN C 147 -14.50 47.66 27.04
N TRP C 148 -13.51 47.10 27.74
CA TRP C 148 -13.65 46.75 29.15
C TRP C 148 -12.78 47.70 29.96
N LYS C 149 -13.34 48.25 31.03
CA LYS C 149 -12.58 49.08 31.94
C LYS C 149 -12.74 48.49 33.33
N VAL C 150 -11.63 48.00 33.88
CA VAL C 150 -11.61 47.43 35.23
C VAL C 150 -10.90 48.43 36.14
N ASP C 151 -11.66 49.05 37.04
CA ASP C 151 -11.19 50.15 37.88
C ASP C 151 -10.59 51.26 37.01
N ASN C 152 -11.30 51.59 35.93
CA ASN C 152 -10.92 52.61 34.96
C ASN C 152 -9.64 52.27 34.21
N ALA C 153 -9.24 50.99 34.22
CA ALA C 153 -8.09 50.52 33.46
C ALA C 153 -8.57 49.78 32.23
N LEU C 154 -8.15 50.24 31.05
CA LEU C 154 -8.54 49.60 29.81
C LEU C 154 -7.89 48.23 29.68
N GLN C 155 -8.72 47.21 29.41
CA GLN C 155 -8.26 45.85 29.18
C GLN C 155 -7.93 45.62 27.71
N SER C 156 -6.94 44.76 27.46
CA SER C 156 -6.51 44.45 26.11
C SER C 156 -6.02 43.01 26.03
N GLY C 157 -6.55 42.25 25.08
CA GLY C 157 -6.07 40.90 24.84
C GLY C 157 -6.60 39.82 25.76
N ASN C 158 -7.58 40.14 26.61
CA ASN C 158 -8.16 39.14 27.49
C ASN C 158 -9.67 39.02 27.32
N SER C 159 -10.21 39.52 26.21
CA SER C 159 -11.63 39.42 25.92
C SER C 159 -11.85 38.89 24.51
N GLN C 160 -12.97 38.20 24.33
CA GLN C 160 -13.36 37.62 23.04
C GLN C 160 -14.79 38.01 22.71
N GLU C 161 -15.02 38.43 21.46
CA GLU C 161 -16.35 38.82 20.99
C GLU C 161 -16.97 37.72 20.14
N SER C 162 -18.31 37.73 20.10
CA SER C 162 -19.09 36.81 19.28
C SER C 162 -20.34 37.51 18.80
N VAL C 163 -20.64 37.39 17.50
CA VAL C 163 -21.79 38.06 16.90
C VAL C 163 -22.72 37.00 16.31
N THR C 164 -24.02 37.25 16.38
CA THR C 164 -24.99 36.36 15.78
C THR C 164 -25.25 36.74 14.32
N GLU C 165 -25.85 35.82 13.58
CA GLU C 165 -26.35 36.19 12.26
C GLU C 165 -27.55 37.12 12.40
N GLN C 166 -27.83 37.84 11.31
CA GLN C 166 -28.95 38.78 11.29
C GLN C 166 -30.27 38.06 11.59
N ASP C 167 -31.06 38.68 12.45
CA ASP C 167 -32.35 38.10 12.81
C ASP C 167 -33.33 38.24 11.66
N SER C 168 -34.09 37.17 11.41
CA SER C 168 -35.04 37.19 10.29
C SER C 168 -36.17 38.19 10.53
N LYS C 169 -36.59 38.35 11.80
CA LYS C 169 -37.79 39.13 12.09
C LYS C 169 -37.51 40.64 12.16
N ASP C 170 -36.65 41.07 13.08
CA ASP C 170 -36.39 42.50 13.23
C ASP C 170 -35.10 42.94 12.55
N SER C 171 -34.41 42.04 11.84
CA SER C 171 -33.23 42.36 11.03
C SER C 171 -32.13 43.04 11.84
N THR C 172 -31.90 42.54 13.05
CA THR C 172 -30.90 43.11 13.96
C THR C 172 -29.85 42.06 14.32
N TYR C 173 -28.77 42.54 14.91
CA TYR C 173 -27.67 41.71 15.39
C TYR C 173 -27.62 41.73 16.91
N SER C 174 -26.92 40.75 17.47
CA SER C 174 -26.63 40.68 18.90
C SER C 174 -25.17 40.28 19.06
N LEU C 175 -24.53 40.83 20.10
CA LEU C 175 -23.10 40.64 20.31
C LEU C 175 -22.84 40.34 21.78
N SER C 176 -21.82 39.53 22.03
CA SER C 176 -21.42 39.20 23.39
C SER C 176 -19.92 39.31 23.50
N SER C 177 -19.46 40.08 24.49
CA SER C 177 -18.04 40.20 24.79
C SER C 177 -17.77 39.51 26.12
N THR C 178 -16.80 38.60 26.13
CA THR C 178 -16.49 37.82 27.33
C THR C 178 -15.08 38.16 27.76
N LEU C 179 -14.95 38.72 28.97
CA LEU C 179 -13.68 38.99 29.61
C LEU C 179 -13.39 37.85 30.59
N THR C 180 -12.31 37.11 30.35
CA THR C 180 -11.97 35.98 31.20
C THR C 180 -10.65 36.24 31.89
N LEU C 181 -10.63 36.08 33.22
CA LEU C 181 -9.39 36.21 33.98
C LEU C 181 -9.40 35.18 35.10
N SER C 182 -8.29 35.13 35.82
CA SER C 182 -8.13 34.20 36.93
C SER C 182 -8.81 34.76 38.17
N LYS C 183 -9.14 33.85 39.09
CA LYS C 183 -9.79 34.25 40.34
C LYS C 183 -9.00 35.33 41.06
N ALA C 184 -7.68 35.19 41.11
CA ALA C 184 -6.86 36.20 41.78
C ALA C 184 -6.94 37.55 41.08
N ASP C 185 -6.71 37.57 39.76
CA ASP C 185 -6.79 38.82 39.03
C ASP C 185 -8.18 39.42 39.08
N TYR C 186 -9.22 38.58 39.11
CA TYR C 186 -10.58 39.10 39.23
C TYR C 186 -10.80 39.76 40.59
N GLU C 187 -10.37 39.11 41.66
CA GLU C 187 -10.55 39.65 42.99
C GLU C 187 -9.60 40.80 43.29
N LYS C 188 -8.60 41.06 42.43
CA LYS C 188 -7.74 42.24 42.60
C LYS C 188 -8.49 43.56 42.45
N HIS C 189 -9.66 43.58 41.79
CA HIS C 189 -10.32 44.84 41.46
C HIS C 189 -11.79 44.82 41.84
N LYS C 190 -12.41 46.01 41.77
CA LYS C 190 -13.76 46.24 42.27
C LYS C 190 -14.75 46.58 41.17
N VAL C 191 -14.52 47.64 40.41
CA VAL C 191 -15.48 48.14 39.44
C VAL C 191 -15.20 47.53 38.07
N TYR C 192 -16.15 46.77 37.54
CA TYR C 192 -16.04 46.19 36.21
C TYR C 192 -17.06 46.84 35.30
N ALA C 193 -16.59 47.46 34.22
CA ALA C 193 -17.46 48.23 33.35
C ALA C 193 -17.28 47.80 31.90
N CYS C 194 -18.41 47.71 31.21
CA CYS C 194 -18.49 47.44 29.79
C CYS C 194 -18.87 48.76 29.14
N GLU C 195 -17.98 49.28 28.30
CA GLU C 195 -18.14 50.59 27.66
C GLU C 195 -18.40 50.36 26.17
N VAL C 196 -19.56 50.81 25.70
CA VAL C 196 -20.05 50.50 24.36
C VAL C 196 -20.17 51.78 23.54
N THR C 197 -19.71 51.72 22.29
CA THR C 197 -19.85 52.81 21.35
C THR C 197 -20.58 52.29 20.13
N HIS C 198 -21.63 53.00 19.72
CA HIS C 198 -22.43 52.56 18.59
C HIS C 198 -23.01 53.79 17.91
N GLN C 199 -23.29 53.65 16.61
CA GLN C 199 -23.85 54.75 15.83
C GLN C 199 -25.18 55.23 16.41
N GLY C 200 -25.99 54.30 16.90
CA GLY C 200 -27.30 54.63 17.42
C GLY C 200 -27.32 55.11 18.86
N LEU C 201 -26.17 55.54 19.38
CA LEU C 201 -26.04 56.08 20.72
C LEU C 201 -25.48 57.48 20.62
N SER C 202 -26.14 58.44 21.29
CA SER C 202 -25.65 59.81 21.29
C SER C 202 -24.23 59.89 21.83
N SER C 203 -23.89 59.04 22.78
CA SER C 203 -22.58 58.99 23.40
C SER C 203 -22.36 57.58 23.92
N PRO C 204 -21.11 57.18 24.16
CA PRO C 204 -20.86 55.81 24.67
C PRO C 204 -21.61 55.54 25.96
N VAL C 205 -22.05 54.30 26.11
CA VAL C 205 -22.86 53.85 27.22
C VAL C 205 -22.05 52.89 28.10
N THR C 206 -22.14 53.05 29.42
CA THR C 206 -21.38 52.24 30.36
C THR C 206 -22.33 51.40 31.19
N LYS C 207 -22.02 50.10 31.33
CA LYS C 207 -22.73 49.23 32.26
C LYS C 207 -21.71 48.61 33.21
N SER C 208 -21.85 48.84 34.50
CA SER C 208 -20.83 48.44 35.44
C SER C 208 -21.44 47.67 36.61
N PHE C 209 -20.56 47.03 37.36
CA PHE C 209 -20.95 46.38 38.60
C PHE C 209 -19.78 46.38 39.56
N ASN C 210 -20.10 46.35 40.85
CA ASN C 210 -19.14 46.26 41.94
C ASN C 210 -19.01 44.82 42.41
N ARG C 211 -17.76 44.40 42.69
CA ARG C 211 -17.50 42.98 42.92
C ARG C 211 -18.19 42.45 44.17
N GLY C 212 -18.41 43.28 45.19
CA GLY C 212 -19.14 42.79 46.35
C GLY C 212 -20.63 42.65 46.08
N GLU C 213 -21.26 43.74 45.61
CA GLU C 213 -22.62 43.82 45.05
C GLU C 213 -23.04 45.29 45.00
N VAL D 2 -32.77 13.75 -1.66
CA VAL D 2 -31.53 14.20 -1.01
C VAL D 2 -30.46 14.48 -2.06
N GLN D 3 -30.31 13.54 -3.00
CA GLN D 3 -29.46 13.63 -4.19
C GLN D 3 -27.96 13.50 -3.91
N LEU D 4 -27.53 13.80 -2.68
CA LEU D 4 -26.17 13.55 -2.21
C LEU D 4 -26.15 13.55 -0.69
N VAL D 5 -25.63 12.49 -0.08
CA VAL D 5 -25.47 12.41 1.37
C VAL D 5 -24.00 12.17 1.68
N GLN D 6 -23.52 12.77 2.76
CA GLN D 6 -22.14 12.64 3.17
C GLN D 6 -22.06 12.00 4.55
N SER D 7 -20.91 11.39 4.84
CA SER D 7 -20.67 10.80 6.15
C SER D 7 -20.71 11.85 7.24
N GLU D 8 -20.88 11.39 8.49
CA GLU D 8 -21.00 12.28 9.62
C GLU D 8 -19.66 12.95 9.94
N ALA D 9 -19.68 13.83 10.94
CA ALA D 9 -18.51 14.63 11.29
C ALA D 9 -17.41 13.74 11.88
N GLU D 10 -16.18 14.26 11.84
CA GLU D 10 -15.01 13.53 12.33
C GLU D 10 -14.18 14.43 13.23
N VAL D 11 -13.57 13.80 14.24
CA VAL D 11 -12.64 14.49 15.13
C VAL D 11 -11.35 13.68 15.13
N LYS D 12 -10.24 14.34 14.82
CA LYS D 12 -8.98 13.64 14.62
C LYS D 12 -7.84 14.41 15.26
N LYS D 13 -6.91 13.67 15.86
CA LYS D 13 -5.70 14.30 16.36
C LYS D 13 -4.79 14.66 15.19
N PRO D 14 -3.95 15.68 15.35
CA PRO D 14 -3.02 16.03 14.26
C PRO D 14 -2.08 14.88 13.92
N GLY D 15 -1.90 14.66 12.62
CA GLY D 15 -1.08 13.58 12.13
C GLY D 15 -1.85 12.34 11.72
N SER D 16 -3.13 12.24 12.06
CA SER D 16 -3.96 11.10 11.69
C SER D 16 -4.49 11.29 10.27
N SER D 17 -5.39 10.39 9.86
CA SER D 17 -6.01 10.48 8.54
C SER D 17 -7.52 10.32 8.68
N VAL D 18 -8.24 10.96 7.77
CA VAL D 18 -9.70 10.90 7.76
C VAL D 18 -10.17 10.52 6.36
N LYS D 19 -11.28 9.78 6.29
CA LYS D 19 -11.85 9.36 5.01
C LYS D 19 -13.35 9.65 5.03
N VAL D 20 -13.78 10.62 4.21
CA VAL D 20 -15.17 11.06 4.13
C VAL D 20 -15.86 10.37 2.96
N SER D 21 -17.13 10.02 3.15
CA SER D 21 -17.91 9.36 2.11
C SER D 21 -18.99 10.29 1.58
N CYS D 22 -19.47 9.97 0.39
CA CYS D 22 -20.48 10.79 -0.30
C CYS D 22 -21.25 9.86 -1.23
N LYS D 23 -22.52 9.60 -0.89
CA LYS D 23 -23.35 8.70 -1.69
C LYS D 23 -24.26 9.51 -2.60
N ALA D 24 -24.29 9.14 -3.87
CA ALA D 24 -25.17 9.79 -4.85
C ALA D 24 -26.52 9.09 -4.83
N SER D 25 -27.57 9.82 -4.46
CA SER D 25 -28.91 9.26 -4.46
C SER D 25 -29.30 8.87 -5.88
N GLY D 26 -29.97 7.75 -6.01
CA GLY D 26 -30.22 7.14 -7.28
C GLY D 26 -29.41 5.86 -7.41
N GLY D 27 -29.45 5.29 -8.60
CA GLY D 27 -28.83 3.99 -8.80
C GLY D 27 -27.35 4.02 -9.13
N THR D 28 -26.93 4.98 -9.95
CA THR D 28 -25.56 5.03 -10.44
C THR D 28 -25.06 6.47 -10.37
N TYR D 29 -23.90 6.71 -10.99
CA TYR D 29 -23.36 8.05 -11.13
C TYR D 29 -23.80 8.73 -12.41
N SER D 30 -24.10 7.95 -13.45
CA SER D 30 -24.56 8.47 -14.73
C SER D 30 -23.59 9.50 -15.31
N SER D 31 -22.32 9.11 -15.39
CA SER D 31 -21.25 9.89 -16.02
C SER D 31 -21.06 11.27 -15.37
N TYR D 32 -21.49 11.44 -14.13
CA TYR D 32 -21.22 12.68 -13.44
C TYR D 32 -19.77 12.72 -12.97
N ALA D 33 -19.31 13.92 -12.59
CA ALA D 33 -18.01 14.07 -11.95
C ALA D 33 -18.21 14.49 -10.51
N ILE D 34 -17.39 13.96 -9.61
CA ILE D 34 -17.52 14.26 -8.18
C ILE D 34 -16.26 14.98 -7.74
N SER D 35 -16.42 16.16 -7.15
CA SER D 35 -15.29 16.94 -6.66
C SER D 35 -15.46 17.18 -5.17
N TRP D 36 -14.36 17.51 -4.49
CA TRP D 36 -14.38 17.83 -3.07
C TRP D 36 -13.83 19.23 -2.84
N VAL D 37 -14.61 20.06 -2.14
CA VAL D 37 -14.23 21.44 -1.85
C VAL D 37 -14.43 21.71 -0.37
N ARG D 38 -13.41 22.27 0.28
CA ARG D 38 -13.48 22.52 1.71
C ARG D 38 -13.58 24.02 2.00
N GLN D 39 -14.03 24.32 3.21
CA GLN D 39 -14.28 25.68 3.66
C GLN D 39 -13.91 25.75 5.14
N ALA D 40 -12.84 26.47 5.45
CA ALA D 40 -12.44 26.66 6.84
C ALA D 40 -13.39 27.64 7.51
N PRO D 41 -13.43 27.66 8.84
CA PRO D 41 -14.36 28.56 9.55
C PRO D 41 -14.16 30.02 9.13
N GLY D 42 -15.24 30.62 8.63
CA GLY D 42 -15.21 32.02 8.22
C GLY D 42 -14.39 32.32 7.00
N GLN D 43 -14.05 31.30 6.21
CA GLN D 43 -13.17 31.42 5.06
C GLN D 43 -13.94 31.17 3.77
N GLY D 44 -13.21 31.18 2.66
CA GLY D 44 -13.77 30.89 1.36
C GLY D 44 -13.71 29.42 1.02
N LEU D 45 -14.08 29.13 -0.22
CA LEU D 45 -14.08 27.76 -0.73
C LEU D 45 -12.77 27.46 -1.43
N GLU D 46 -12.35 26.20 -1.32
CA GLU D 46 -11.04 25.77 -1.81
C GLU D 46 -11.17 24.39 -2.41
N TRP D 47 -10.90 24.28 -3.72
CA TRP D 47 -10.92 22.98 -4.38
C TRP D 47 -9.72 22.15 -3.95
N MET D 48 -9.95 20.85 -3.76
CA MET D 48 -8.89 19.92 -3.39
C MET D 48 -8.63 18.85 -4.43
N GLY D 49 -9.67 18.34 -5.08
CA GLY D 49 -9.50 17.26 -6.03
C GLY D 49 -10.84 16.77 -6.51
N GLY D 50 -10.76 15.82 -7.44
CA GLY D 50 -11.97 15.29 -8.05
C GLY D 50 -11.71 13.97 -8.74
N ILE D 51 -12.83 13.35 -9.13
CA ILE D 51 -12.82 12.01 -9.71
C ILE D 51 -13.98 11.93 -10.71
N ILE D 52 -13.76 11.16 -11.76
CA ILE D 52 -14.80 10.91 -12.75
C ILE D 52 -15.11 9.41 -12.75
N PRO D 53 -16.13 8.97 -11.98
CA PRO D 53 -16.35 7.52 -11.82
C PRO D 53 -16.56 6.78 -13.14
N ILE D 54 -17.27 7.37 -14.11
CA ILE D 54 -17.48 6.68 -15.38
C ILE D 54 -16.16 6.43 -16.09
N LEU D 55 -15.16 7.29 -15.85
CA LEU D 55 -13.86 7.16 -16.49
C LEU D 55 -12.80 6.56 -15.60
N GLY D 56 -12.93 6.69 -14.28
CA GLY D 56 -11.92 6.18 -13.37
C GLY D 56 -10.66 7.02 -13.35
N ILE D 57 -10.81 8.33 -13.25
CA ILE D 57 -9.70 9.27 -13.23
C ILE D 57 -9.85 10.14 -11.99
N ALA D 58 -8.71 10.56 -11.43
CA ALA D 58 -8.72 11.45 -10.29
C ALA D 58 -7.61 12.48 -10.40
N ASN D 59 -7.94 13.73 -10.15
CA ASN D 59 -6.97 14.82 -10.10
C ASN D 59 -6.99 15.45 -8.72
N TYR D 60 -5.87 16.10 -8.38
CA TYR D 60 -5.73 16.79 -7.10
C TYR D 60 -4.98 18.10 -7.31
N ALA D 61 -5.29 19.08 -6.47
CA ALA D 61 -4.56 20.34 -6.50
C ALA D 61 -3.13 20.15 -5.98
N GLN D 62 -2.23 21.03 -6.43
CA GLN D 62 -0.84 20.92 -6.01
C GLN D 62 -0.67 21.13 -4.51
N LYS D 63 -1.55 21.93 -3.89
CA LYS D 63 -1.49 22.16 -2.45
C LYS D 63 -1.75 20.89 -1.67
N PHE D 64 -2.35 19.88 -2.29
CA PHE D 64 -2.77 18.67 -1.61
C PHE D 64 -2.19 17.42 -2.26
N GLN D 65 -1.21 17.57 -3.15
CA GLN D 65 -0.54 16.43 -3.75
C GLN D 65 0.19 15.63 -2.67
N GLY D 66 0.10 14.31 -2.77
CA GLY D 66 0.75 13.44 -1.81
C GLY D 66 -0.02 13.17 -0.54
N ARG D 67 -1.12 13.87 -0.29
CA ARG D 67 -1.90 13.71 0.91
C ARG D 67 -3.31 13.19 0.67
N VAL D 68 -3.91 13.50 -0.48
CA VAL D 68 -5.30 13.18 -0.76
C VAL D 68 -5.38 11.99 -1.70
N THR D 69 -6.41 11.17 -1.48
CA THR D 69 -6.75 10.08 -2.38
C THR D 69 -8.26 9.98 -2.47
N ILE D 70 -8.79 10.22 -3.66
CA ILE D 70 -10.23 10.15 -3.92
C ILE D 70 -10.51 8.89 -4.72
N THR D 71 -11.49 8.12 -4.27
CA THR D 71 -11.85 6.85 -4.89
C THR D 71 -13.35 6.80 -5.06
N ALA D 72 -13.82 5.83 -5.85
CA ALA D 72 -15.25 5.66 -6.10
C ALA D 72 -15.58 4.18 -6.17
N ASP D 73 -16.78 3.85 -5.70
CA ASP D 73 -17.32 2.49 -5.74
C ASP D 73 -18.64 2.55 -6.50
N LYS D 74 -18.63 2.01 -7.73
CA LYS D 74 -19.83 2.01 -8.56
C LYS D 74 -20.89 1.09 -7.99
N SER D 75 -20.48 0.03 -7.28
CA SER D 75 -21.45 -0.90 -6.70
C SER D 75 -22.35 -0.20 -5.69
N THR D 76 -21.75 0.52 -4.74
CA THR D 76 -22.52 1.29 -3.77
C THR D 76 -22.80 2.70 -4.24
N SER D 77 -22.27 3.10 -5.40
CA SER D 77 -22.41 4.46 -5.92
CA SER D 77 -22.42 4.45 -5.92
C SER D 77 -21.98 5.49 -4.89
N THR D 78 -20.81 5.26 -4.29
CA THR D 78 -20.31 6.12 -3.23
C THR D 78 -18.87 6.53 -3.51
N ALA D 79 -18.58 7.82 -3.35
CA ALA D 79 -17.24 8.35 -3.51
C ALA D 79 -16.62 8.62 -2.14
N TYR D 80 -15.31 8.41 -2.05
CA TYR D 80 -14.57 8.59 -0.82
C TYR D 80 -13.41 9.54 -1.05
N MET D 81 -13.06 10.29 -0.01
CA MET D 81 -11.94 11.22 -0.05
C MET D 81 -11.15 11.04 1.25
N GLU D 82 -9.89 10.63 1.12
CA GLU D 82 -9.04 10.38 2.28
C GLU D 82 -7.92 11.41 2.31
N LEU D 83 -7.82 12.12 3.43
CA LEU D 83 -6.78 13.12 3.66
C LEU D 83 -5.94 12.65 4.83
N SER D 84 -4.64 12.49 4.59
CA SER D 84 -3.69 12.01 5.59
CA SER D 84 -3.70 12.01 5.60
C SER D 84 -2.75 13.14 6.02
N SER D 85 -1.96 12.86 7.05
CA SER D 85 -1.01 13.80 7.63
C SER D 85 -1.71 15.12 7.98
N LEU D 86 -2.75 15.00 8.80
CA LEU D 86 -3.64 16.11 9.11
C LEU D 86 -2.96 17.16 10.00
N ARG D 87 -3.41 18.41 9.83
CA ARG D 87 -2.93 19.56 10.59
C ARG D 87 -4.11 20.34 11.14
N SER D 88 -3.81 21.26 12.06
CA SER D 88 -4.86 22.12 12.60
C SER D 88 -5.55 22.92 11.51
N GLU D 89 -4.80 23.34 10.49
CA GLU D 89 -5.36 24.12 9.39
C GLU D 89 -6.38 23.32 8.57
N ASP D 90 -6.36 21.99 8.67
CA ASP D 90 -7.29 21.15 7.90
C ASP D 90 -8.68 21.10 8.52
N THR D 91 -8.86 21.66 9.72
CA THR D 91 -10.17 21.72 10.36
C THR D 91 -11.12 22.59 9.53
N ALA D 92 -12.15 21.98 8.94
CA ALA D 92 -13.02 22.70 8.02
C ALA D 92 -14.23 21.84 7.69
N VAL D 93 -15.15 22.42 6.93
CA VAL D 93 -16.31 21.71 6.40
C VAL D 93 -15.97 21.29 4.99
N TYR D 94 -16.09 20.00 4.70
CA TYR D 94 -15.75 19.43 3.40
C TYR D 94 -17.05 19.09 2.67
N TYR D 95 -17.32 19.80 1.58
CA TYR D 95 -18.46 19.54 0.73
C TYR D 95 -18.06 18.61 -0.41
N CYS D 96 -18.97 17.71 -0.76
CA CYS D 96 -18.87 16.86 -1.93
C CYS D 96 -19.84 17.40 -2.98
N ALA D 97 -19.30 17.84 -4.12
CA ALA D 97 -20.11 18.46 -5.17
C ALA D 97 -20.07 17.64 -6.45
N ARG D 98 -21.07 17.88 -7.29
CA ARG D 98 -21.29 17.10 -8.50
C ARG D 98 -21.28 18.04 -9.70
N LEU D 99 -20.74 17.55 -10.82
CA LEU D 99 -20.60 18.34 -12.04
C LEU D 99 -21.13 17.54 -13.22
N PRO D 100 -22.03 18.11 -14.01
CA PRO D 100 -22.49 17.43 -15.23
C PRO D 100 -21.62 17.77 -16.42
N TYR D 101 -21.59 16.85 -17.38
CA TYR D 101 -20.86 17.11 -18.61
C TYR D 101 -21.58 18.19 -19.40
N TYR D 102 -20.93 19.34 -19.54
CA TYR D 102 -21.50 20.50 -20.21
C TYR D 102 -21.14 20.37 -21.69
N TYR D 103 -22.07 19.83 -22.49
CA TYR D 103 -21.80 19.55 -23.90
C TYR D 103 -21.41 20.80 -24.67
N ASP D 104 -21.94 21.96 -24.28
CA ASP D 104 -21.64 23.19 -25.00
C ASP D 104 -20.17 23.59 -24.89
N SER D 105 -19.44 23.06 -23.90
CA SER D 105 -18.01 23.31 -23.78
C SER D 105 -17.19 22.03 -23.65
N SER D 106 -17.83 20.86 -23.82
CA SER D 106 -17.13 19.58 -23.94
C SER D 106 -16.31 19.25 -22.69
N GLY D 107 -16.92 19.45 -21.53
CA GLY D 107 -16.25 19.12 -20.29
C GLY D 107 -17.03 19.59 -19.08
N TYR D 108 -16.39 19.46 -17.92
CA TYR D 108 -16.99 19.81 -16.64
C TYR D 108 -16.51 21.21 -16.24
N TYR D 109 -17.46 22.13 -16.08
CA TYR D 109 -17.10 23.52 -15.84
C TYR D 109 -17.90 24.22 -14.75
N TYR D 110 -18.74 23.52 -13.99
CA TYR D 110 -19.45 24.15 -12.90
C TYR D 110 -19.99 23.08 -11.95
N PHE D 111 -20.13 23.46 -10.68
CA PHE D 111 -20.75 22.59 -9.68
C PHE D 111 -22.24 22.88 -9.68
N ASP D 112 -23.05 21.86 -9.94
CA ASP D 112 -24.49 22.03 -10.03
C ASP D 112 -25.23 21.56 -8.78
N TYR D 113 -24.58 20.77 -7.92
CA TYR D 113 -25.23 20.24 -6.73
C TYR D 113 -24.16 19.96 -5.68
N TRP D 114 -24.39 20.44 -4.46
CA TRP D 114 -23.48 20.24 -3.33
C TRP D 114 -24.13 19.41 -2.24
N GLY D 115 -23.33 18.54 -1.60
CA GLY D 115 -23.81 17.83 -0.43
C GLY D 115 -23.83 18.71 0.81
N GLN D 116 -24.51 18.22 1.85
CA GLN D 116 -24.72 19.03 3.05
C GLN D 116 -23.40 19.40 3.73
N GLY D 117 -22.39 18.57 3.59
CA GLY D 117 -21.08 18.89 4.15
C GLY D 117 -20.75 18.03 5.36
N THR D 118 -19.45 17.77 5.52
CA THR D 118 -18.94 17.02 6.66
C THR D 118 -17.91 17.86 7.40
N LEU D 119 -18.14 18.08 8.70
CA LEU D 119 -17.20 18.83 9.50
C LEU D 119 -16.06 17.92 9.97
N VAL D 120 -14.82 18.33 9.73
CA VAL D 120 -13.63 17.63 10.20
C VAL D 120 -12.87 18.57 11.13
N THR D 121 -12.77 18.19 12.40
CA THR D 121 -12.08 18.97 13.41
C THR D 121 -10.75 18.29 13.74
N VAL D 122 -9.65 19.00 13.50
CA VAL D 122 -8.30 18.52 13.82
C VAL D 122 -7.72 19.42 14.90
N SER D 123 -7.45 18.84 16.06
CA SER D 123 -6.93 19.60 17.19
C SER D 123 -6.30 18.65 18.19
N SER D 124 -5.33 19.18 18.95
CA SER D 124 -4.67 18.43 20.01
C SER D 124 -5.59 18.14 21.18
N ALA D 125 -6.76 18.77 21.22
CA ALA D 125 -7.68 18.59 22.34
C ALA D 125 -8.31 17.20 22.29
N SER D 126 -8.92 16.83 23.42
CA SER D 126 -9.63 15.56 23.57
C SER D 126 -11.07 15.85 23.92
N THR D 127 -11.94 14.88 23.60
CA THR D 127 -13.37 15.05 23.84
C THR D 127 -13.65 15.32 25.32
N LYS D 128 -14.21 16.50 25.60
CA LYS D 128 -14.55 16.90 26.96
C LYS D 128 -15.93 17.55 26.97
N GLY D 129 -16.72 17.24 27.99
CA GLY D 129 -18.03 17.82 28.14
C GLY D 129 -17.95 19.24 28.66
N PRO D 130 -18.99 20.04 28.40
CA PRO D 130 -18.96 21.45 28.81
C PRO D 130 -19.31 21.62 30.28
N SER D 131 -18.90 22.77 30.81
CA SER D 131 -19.34 23.23 32.13
C SER D 131 -20.29 24.40 31.91
N VAL D 132 -21.50 24.29 32.43
CA VAL D 132 -22.52 25.31 32.22
C VAL D 132 -22.72 26.08 33.53
N PHE D 133 -22.55 27.39 33.46
CA PHE D 133 -22.72 28.29 34.57
C PHE D 133 -23.86 29.25 34.29
N PRO D 134 -24.53 29.76 35.32
CA PRO D 134 -25.67 30.66 35.09
C PRO D 134 -25.24 32.12 35.00
N LEU D 135 -26.03 32.87 34.23
CA LEU D 135 -25.93 34.32 34.10
C LEU D 135 -27.27 34.85 34.60
N ALA D 136 -27.33 35.18 35.90
CA ALA D 136 -28.57 35.53 36.55
C ALA D 136 -28.96 36.98 36.24
N PRO D 137 -30.25 37.30 36.29
CA PRO D 137 -30.68 38.69 36.11
C PRO D 137 -30.74 39.47 37.41
N SER D 138 -30.57 40.78 37.28
CA SER D 138 -30.71 41.67 38.43
C SER D 138 -31.42 42.98 38.05
N GLY D 144 -36.79 49.38 28.19
CA GLY D 144 -37.91 49.31 29.12
C GLY D 144 -37.73 48.25 30.19
N GLY D 145 -38.83 47.87 30.84
CA GLY D 145 -38.76 46.85 31.87
C GLY D 145 -38.53 45.47 31.31
N THR D 146 -37.31 45.21 30.85
CA THR D 146 -36.90 43.91 30.33
C THR D 146 -35.61 43.49 31.02
N ALA D 147 -35.58 42.25 31.49
CA ALA D 147 -34.40 41.67 32.11
C ALA D 147 -33.78 40.65 31.17
N ALA D 148 -32.49 40.39 31.38
CA ALA D 148 -31.73 39.45 30.57
C ALA D 148 -31.13 38.38 31.46
N LEU D 149 -31.12 37.14 30.97
CA LEU D 149 -30.51 36.04 31.70
C LEU D 149 -29.91 35.07 30.69
N GLY D 150 -29.15 34.10 31.17
CA GLY D 150 -28.57 33.17 30.22
C GLY D 150 -27.72 32.09 30.87
N CYS D 151 -27.02 31.36 30.01
CA CYS D 151 -26.20 30.22 30.36
C CYS D 151 -24.86 30.34 29.64
N LEU D 152 -23.77 30.12 30.36
CA LEU D 152 -22.43 30.11 29.78
C LEU D 152 -21.95 28.67 29.73
N VAL D 153 -21.83 28.11 28.52
CA VAL D 153 -21.32 26.76 28.33
C VAL D 153 -19.88 26.88 27.90
N LYS D 154 -18.96 26.49 28.80
CA LYS D 154 -17.56 26.80 28.68
C LYS D 154 -16.72 25.52 28.68
N ASP D 155 -15.63 25.56 27.90
CA ASP D 155 -14.56 24.57 27.96
C ASP D 155 -15.03 23.19 27.51
N TYR D 156 -15.59 23.11 26.30
CA TYR D 156 -15.98 21.85 25.70
C TYR D 156 -15.27 21.67 24.37
N PHE D 157 -15.25 20.42 23.89
CA PHE D 157 -14.62 20.06 22.63
C PHE D 157 -15.14 18.70 22.18
N PRO D 158 -15.48 18.54 20.90
CA PRO D 158 -15.48 19.56 19.86
C PRO D 158 -16.86 20.16 19.65
N GLU D 159 -17.01 20.95 18.58
CA GLU D 159 -18.32 21.38 18.15
C GLU D 159 -19.14 20.17 17.71
N PRO D 160 -20.47 20.23 17.81
CA PRO D 160 -21.25 21.35 18.33
C PRO D 160 -21.96 21.05 19.66
N VAL D 161 -22.58 22.08 20.25
CA VAL D 161 -23.53 21.89 21.32
C VAL D 161 -24.85 22.52 20.88
N THR D 162 -25.94 21.95 21.36
CA THR D 162 -27.26 22.52 21.16
C THR D 162 -27.81 22.95 22.52
N VAL D 163 -28.54 24.06 22.54
CA VAL D 163 -29.10 24.58 23.78
C VAL D 163 -30.49 25.12 23.50
N SER D 164 -31.45 24.76 24.35
CA SER D 164 -32.78 25.33 24.29
C SER D 164 -33.15 25.84 25.68
N TRP D 165 -34.33 26.44 25.78
CA TRP D 165 -34.79 27.01 27.04
C TRP D 165 -36.10 26.34 27.44
N ASN D 166 -36.21 26.04 28.74
CA ASN D 166 -37.27 25.19 29.27
C ASN D 166 -37.22 23.89 28.47
N SER D 167 -38.30 23.53 27.82
CA SER D 167 -38.33 22.35 26.97
C SER D 167 -38.64 22.75 25.53
N GLY D 168 -38.02 23.83 25.08
CA GLY D 168 -38.31 24.38 23.78
C GLY D 168 -39.49 25.33 23.78
N ALA D 169 -40.14 25.54 24.93
CA ALA D 169 -41.29 26.42 25.02
C ALA D 169 -40.92 27.89 24.94
N LEU D 170 -39.65 28.24 25.18
CA LEU D 170 -39.18 29.62 25.14
C LEU D 170 -38.25 29.75 23.94
N THR D 171 -38.69 30.50 22.93
CA THR D 171 -37.88 30.75 21.74
C THR D 171 -37.83 32.24 21.48
N SER D 172 -38.85 32.97 21.93
CA SER D 172 -38.91 34.41 21.72
C SER D 172 -37.81 35.09 22.53
N GLY D 173 -36.98 35.87 21.85
CA GLY D 173 -35.94 36.61 22.53
C GLY D 173 -34.68 35.83 22.82
N VAL D 174 -34.62 34.55 22.45
CA VAL D 174 -33.45 33.71 22.71
C VAL D 174 -32.37 34.03 21.69
N HIS D 175 -31.13 34.14 22.17
CA HIS D 175 -29.96 34.30 21.31
C HIS D 175 -28.88 33.34 21.80
N THR D 176 -28.57 32.34 20.99
CA THR D 176 -27.44 31.44 21.26
C THR D 176 -26.30 31.84 20.34
N PHE D 177 -25.21 32.35 20.92
CA PHE D 177 -24.13 32.88 20.12
C PHE D 177 -23.29 31.74 19.53
N PRO D 178 -22.70 31.97 18.35
CA PRO D 178 -21.77 30.97 17.82
C PRO D 178 -20.61 30.78 18.79
N ALA D 179 -20.13 29.55 18.89
CA ALA D 179 -19.05 29.25 19.81
C ALA D 179 -17.79 30.00 19.41
N VAL D 180 -16.87 30.09 20.36
CA VAL D 180 -15.58 30.71 20.14
C VAL D 180 -14.52 29.72 20.62
N LEU D 181 -13.33 29.81 20.03
CA LEU D 181 -12.23 28.89 20.29
C LEU D 181 -11.21 29.60 21.18
N GLN D 182 -11.09 29.15 22.42
CA GLN D 182 -10.21 29.82 23.37
C GLN D 182 -8.75 29.38 23.17
N SER D 183 -7.85 30.07 23.87
CA SER D 183 -6.43 29.75 23.77
C SER D 183 -6.15 28.33 24.21
N SER D 184 -6.95 27.80 25.13
CA SER D 184 -6.78 26.43 25.59
C SER D 184 -7.05 25.42 24.49
N GLY D 185 -7.70 25.81 23.39
CA GLY D 185 -8.11 24.87 22.38
C GLY D 185 -9.50 24.31 22.59
N LEU D 186 -10.24 24.81 23.57
CA LEU D 186 -11.61 24.37 23.85
C LEU D 186 -12.60 25.44 23.41
N TYR D 187 -13.81 25.01 23.10
CA TYR D 187 -14.85 25.92 22.64
C TYR D 187 -15.66 26.41 23.84
N SER D 188 -16.27 27.58 23.67
CA SER D 188 -17.11 28.16 24.71
CA SER D 188 -17.12 28.15 24.71
C SER D 188 -18.09 29.13 24.07
N LEU D 189 -19.31 29.17 24.60
CA LEU D 189 -20.31 30.10 24.10
C LEU D 189 -21.26 30.45 25.24
N SER D 190 -22.20 31.34 24.92
CA SER D 190 -23.18 31.82 25.88
C SER D 190 -24.51 31.99 25.16
N SER D 191 -25.57 31.51 25.80
CA SER D 191 -26.94 31.61 25.30
C SER D 191 -27.74 32.51 26.23
N VAL D 192 -28.26 33.61 25.70
CA VAL D 192 -28.98 34.60 26.50
C VAL D 192 -30.44 34.65 26.04
N VAL D 193 -31.26 35.28 26.87
CA VAL D 193 -32.68 35.48 26.58
C VAL D 193 -33.18 36.68 27.39
N THR D 194 -34.02 37.49 26.77
CA THR D 194 -34.65 38.63 27.42
C THR D 194 -36.11 38.30 27.73
N VAL D 195 -36.52 38.65 28.95
CA VAL D 195 -37.87 38.36 29.43
C VAL D 195 -38.41 39.62 30.10
N PRO D 196 -39.72 39.71 30.35
CA PRO D 196 -40.23 40.80 31.18
C PRO D 196 -39.76 40.65 32.62
N SER D 197 -39.53 41.79 33.27
CA SER D 197 -39.12 41.77 34.67
C SER D 197 -40.22 41.22 35.57
N SER D 198 -41.48 41.49 35.24
CA SER D 198 -42.60 41.02 36.05
C SER D 198 -42.58 39.50 36.20
N SER D 199 -42.08 38.79 35.19
CA SER D 199 -42.07 37.33 35.21
C SER D 199 -40.86 36.75 35.94
N LEU D 200 -39.99 37.60 36.50
CA LEU D 200 -38.76 37.09 37.11
C LEU D 200 -39.04 36.19 38.31
N GLY D 201 -40.08 36.50 39.07
CA GLY D 201 -40.41 35.71 40.24
C GLY D 201 -41.40 34.59 39.98
N THR D 202 -42.31 34.79 39.04
CA THR D 202 -43.39 33.83 38.81
C THR D 202 -43.03 32.75 37.79
N GLN D 203 -42.22 33.07 36.78
CA GLN D 203 -41.86 32.13 35.74
C GLN D 203 -40.49 31.54 36.01
N THR D 204 -40.38 30.22 35.94
CA THR D 204 -39.11 29.53 36.11
C THR D 204 -38.42 29.36 34.75
N TYR D 205 -37.10 29.57 34.74
CA TYR D 205 -36.29 29.52 33.52
C TYR D 205 -35.20 28.48 33.68
N ILE D 206 -35.16 27.53 32.75
CA ILE D 206 -34.17 26.45 32.74
C ILE D 206 -33.58 26.37 31.34
N CYS D 207 -32.25 26.31 31.25
CA CYS D 207 -31.58 26.10 29.98
C CYS D 207 -31.11 24.66 29.92
N ASN D 208 -31.44 23.97 28.83
CA ASN D 208 -31.01 22.59 28.66
C ASN D 208 -29.94 22.55 27.56
N VAL D 209 -28.79 22.00 27.89
CA VAL D 209 -27.61 21.94 27.04
C VAL D 209 -27.30 20.49 26.72
N ASN D 210 -27.02 20.22 25.45
CA ASN D 210 -26.73 18.89 24.95
C ASN D 210 -25.43 18.95 24.16
N HIS D 211 -24.46 18.13 24.55
CA HIS D 211 -23.20 17.94 23.84
C HIS D 211 -23.10 16.47 23.48
N LYS D 212 -23.29 16.16 22.20
CA LYS D 212 -23.36 14.81 21.69
C LYS D 212 -22.00 14.10 21.62
N PRO D 213 -20.90 14.79 21.24
CA PRO D 213 -19.60 14.10 21.23
C PRO D 213 -19.22 13.47 22.56
N SER D 214 -19.47 14.15 23.68
CA SER D 214 -19.17 13.63 25.00
C SER D 214 -20.38 13.00 25.67
N ASN D 215 -21.53 12.98 24.99
CA ASN D 215 -22.76 12.38 25.51
C ASN D 215 -23.13 12.96 26.87
N THR D 216 -23.11 14.29 26.96
CA THR D 216 -23.48 14.99 28.18
C THR D 216 -24.75 15.82 27.95
N LYS D 217 -25.63 15.81 28.95
CA LYS D 217 -26.87 16.57 28.93
C LYS D 217 -27.06 17.19 30.29
N VAL D 218 -27.25 18.52 30.32
CA VAL D 218 -27.36 19.26 31.56
C VAL D 218 -28.60 20.15 31.50
N ASP D 219 -29.30 20.27 32.63
CA ASP D 219 -30.42 21.19 32.79
C ASP D 219 -30.08 22.13 33.92
N LYS D 220 -29.84 23.40 33.61
CA LYS D 220 -29.37 24.37 34.59
C LYS D 220 -30.47 25.40 34.83
N ARG D 221 -30.87 25.55 36.09
CA ARG D 221 -31.83 26.57 36.47
C ARG D 221 -31.15 27.93 36.59
N VAL D 222 -31.82 28.97 36.13
CA VAL D 222 -31.29 30.33 36.18
C VAL D 222 -32.25 31.15 37.03
N GLU D 223 -31.81 31.46 38.25
CA GLU D 223 -32.58 32.24 39.21
C GLU D 223 -31.82 33.50 39.61
N PRO D 224 -32.52 34.58 39.95
CA PRO D 224 -31.82 35.81 40.32
C PRO D 224 -31.31 35.82 41.76
N LYS D 225 -30.01 35.62 41.96
CA LYS D 225 -29.44 35.76 43.31
C LYS D 225 -27.93 35.98 43.24
N ASP E 1 14.25 -23.59 -17.25
CA ASP E 1 14.32 -24.35 -16.01
C ASP E 1 15.10 -25.64 -16.18
N ILE E 2 16.35 -25.64 -15.74
CA ILE E 2 17.23 -26.80 -15.90
C ILE E 2 16.91 -27.83 -14.80
N GLN E 3 16.71 -29.07 -15.21
CA GLN E 3 16.37 -30.15 -14.27
C GLN E 3 17.64 -30.93 -13.93
N MET E 4 18.09 -30.81 -12.68
CA MET E 4 19.19 -31.64 -12.18
C MET E 4 18.62 -32.95 -11.66
N THR E 5 19.14 -34.06 -12.16
CA THR E 5 18.71 -35.39 -11.71
C THR E 5 19.92 -36.13 -11.15
N GLN E 6 19.77 -36.64 -9.93
CA GLN E 6 20.86 -37.34 -9.25
C GLN E 6 20.64 -38.84 -9.28
N SER E 7 21.74 -39.58 -9.20
CA SER E 7 21.72 -41.02 -9.21
C SER E 7 22.87 -41.51 -8.33
N PRO E 8 22.62 -42.46 -7.41
CA PRO E 8 21.31 -43.07 -7.14
C PRO E 8 20.53 -42.32 -6.06
N SER E 9 19.28 -42.73 -5.82
CA SER E 9 18.48 -42.10 -4.77
C SER E 9 19.00 -42.48 -3.39
N SER E 10 19.29 -43.76 -3.19
CA SER E 10 19.84 -44.26 -1.94
C SER E 10 21.14 -45.00 -2.23
N LEU E 11 21.99 -45.06 -1.21
CA LEU E 11 23.27 -45.72 -1.34
C LEU E 11 23.62 -46.28 0.03
N SER E 12 24.05 -47.52 0.07
CA SER E 12 24.39 -48.20 1.31
C SER E 12 25.87 -48.50 1.25
N ALA E 13 26.63 -47.97 2.20
CA ALA E 13 28.08 -48.07 2.19
C ALA E 13 28.60 -48.32 3.59
N SER E 14 29.86 -48.70 3.66
CA SER E 14 30.54 -48.95 4.91
C SER E 14 31.66 -47.95 5.09
N VAL E 15 32.14 -47.83 6.33
CA VAL E 15 33.21 -46.89 6.65
C VAL E 15 34.47 -47.29 5.90
N GLY E 16 35.11 -46.33 5.26
CA GLY E 16 36.31 -46.59 4.50
C GLY E 16 36.12 -46.99 3.06
N ASP E 17 34.91 -46.83 2.52
CA ASP E 17 34.62 -47.12 1.12
C ASP E 17 34.86 -45.90 0.25
N ARG E 18 35.03 -46.15 -1.05
CA ARG E 18 35.10 -45.08 -2.03
C ARG E 18 33.70 -44.89 -2.60
N VAL E 19 33.14 -43.70 -2.41
CA VAL E 19 31.76 -43.40 -2.77
C VAL E 19 31.75 -42.38 -3.89
N THR E 20 30.98 -42.66 -4.92
CA THR E 20 30.81 -41.75 -6.05
C THR E 20 29.32 -41.47 -6.21
N ILE E 21 28.99 -40.19 -6.34
CA ILE E 21 27.62 -39.74 -6.54
C ILE E 21 27.58 -38.94 -7.83
N THR E 22 26.73 -39.36 -8.77
CA THR E 22 26.66 -38.74 -10.08
C THR E 22 25.45 -37.83 -10.19
N CYS E 23 25.62 -36.72 -10.91
CA CYS E 23 24.60 -35.70 -11.08
C CYS E 23 24.56 -35.32 -12.55
N ARG E 24 23.38 -35.36 -13.16
CA ARG E 24 23.20 -35.11 -14.58
C ARG E 24 22.27 -33.91 -14.79
N ALA E 25 22.68 -32.99 -15.65
CA ALA E 25 21.88 -31.82 -15.97
C ALA E 25 21.17 -31.99 -17.30
N SER E 26 19.98 -31.43 -17.40
CA SER E 26 19.19 -31.53 -18.62
C SER E 26 19.84 -30.83 -19.80
N GLN E 27 20.79 -29.92 -19.57
CA GLN E 27 21.52 -29.25 -20.63
C GLN E 27 22.87 -28.80 -20.08
N SER E 28 23.78 -28.44 -20.98
CA SER E 28 25.12 -28.05 -20.58
C SER E 28 25.08 -26.83 -19.67
N ILE E 29 25.86 -26.90 -18.59
CA ILE E 29 25.94 -25.83 -17.61
C ILE E 29 27.40 -25.49 -17.33
N SER E 30 28.29 -25.94 -18.20
CA SER E 30 29.73 -25.69 -18.09
C SER E 30 30.20 -26.24 -16.75
N SER E 31 30.87 -25.44 -15.92
CA SER E 31 31.30 -25.86 -14.60
C SER E 31 30.57 -25.10 -13.49
N TYR E 32 29.33 -24.69 -13.78
CA TYR E 32 28.51 -23.97 -12.81
C TYR E 32 27.68 -24.99 -12.02
N LEU E 33 28.40 -25.79 -11.24
CA LEU E 33 27.80 -26.89 -10.51
C LEU E 33 28.37 -26.88 -9.09
N ASN E 34 27.49 -27.02 -8.09
CA ASN E 34 27.88 -27.01 -6.69
C ASN E 34 27.33 -28.25 -5.99
N TRP E 35 28.07 -28.73 -4.99
CA TRP E 35 27.66 -29.87 -4.17
C TRP E 35 27.49 -29.42 -2.73
N TYR E 36 26.35 -29.78 -2.14
CA TYR E 36 26.04 -29.45 -0.75
C TYR E 36 25.76 -30.72 0.04
N GLN E 37 26.15 -30.70 1.32
CA GLN E 37 25.84 -31.76 2.26
C GLN E 37 24.80 -31.25 3.25
N GLN E 38 23.81 -32.09 3.57
CA GLN E 38 22.82 -31.73 4.56
C GLN E 38 22.50 -32.95 5.40
N LYS E 39 22.50 -32.78 6.73
CA LYS E 39 22.15 -33.81 7.68
C LYS E 39 20.78 -33.52 8.31
N PRO E 40 20.05 -34.55 8.73
CA PRO E 40 18.69 -34.33 9.23
C PRO E 40 18.66 -33.36 10.39
N GLY E 41 17.83 -32.32 10.26
CA GLY E 41 17.67 -31.31 11.27
C GLY E 41 18.58 -30.12 11.13
N LYS E 42 19.67 -30.24 10.39
CA LYS E 42 20.67 -29.17 10.29
C LYS E 42 20.58 -28.50 8.93
N ALA E 43 21.29 -27.38 8.80
CA ALA E 43 21.32 -26.61 7.58
C ALA E 43 22.26 -27.25 6.56
N PRO E 44 22.14 -26.88 5.28
CA PRO E 44 23.07 -27.42 4.28
C PRO E 44 24.46 -26.81 4.41
N LYS E 45 25.47 -27.59 4.07
CA LYS E 45 26.86 -27.16 4.08
C LYS E 45 27.43 -27.27 2.69
N LEU E 46 28.16 -26.26 2.26
CA LEU E 46 28.79 -26.28 0.95
C LEU E 46 29.99 -27.20 0.99
N LEU E 47 30.12 -28.02 -0.06
CA LEU E 47 31.24 -28.94 -0.20
C LEU E 47 32.13 -28.55 -1.39
N ILE E 48 31.55 -28.47 -2.58
CA ILE E 48 32.28 -28.21 -3.82
C ILE E 48 31.56 -27.13 -4.60
N TYR E 49 32.32 -26.18 -5.15
CA TYR E 49 31.76 -25.18 -6.03
C TYR E 49 32.56 -25.18 -7.32
N ALA E 50 31.95 -24.66 -8.39
CA ALA E 50 32.59 -24.62 -9.70
C ALA E 50 33.03 -26.02 -10.13
N ALA E 51 32.15 -27.00 -9.87
CA ALA E 51 32.33 -28.41 -10.22
C ALA E 51 33.49 -29.12 -9.54
N SER E 52 34.59 -28.41 -9.23
CA SER E 52 35.77 -29.10 -8.71
C SER E 52 36.49 -28.36 -7.58
N SER E 53 36.21 -27.08 -7.35
CA SER E 53 36.89 -26.33 -6.31
C SER E 53 36.39 -26.79 -4.94
N LEU E 54 37.33 -27.07 -4.04
CA LEU E 54 36.99 -27.48 -2.68
C LEU E 54 36.76 -26.24 -1.82
N GLN E 55 35.63 -26.21 -1.11
CA GLN E 55 35.38 -25.13 -0.16
C GLN E 55 36.27 -25.28 1.07
N SER E 56 36.93 -24.20 1.46
CA SER E 56 37.83 -24.23 2.61
C SER E 56 37.10 -24.68 3.86
N GLY E 57 37.71 -25.59 4.61
CA GLY E 57 37.10 -26.17 5.78
C GLY E 57 36.40 -27.50 5.53
N VAL E 58 36.49 -28.02 4.31
CA VAL E 58 35.94 -29.33 3.99
C VAL E 58 37.12 -30.28 3.89
N PRO E 59 37.02 -31.50 4.40
CA PRO E 59 38.13 -32.45 4.28
C PRO E 59 38.51 -32.69 2.81
N SER E 60 39.80 -32.97 2.60
CA SER E 60 40.30 -33.14 1.23
C SER E 60 39.74 -34.38 0.55
N ARG E 61 39.16 -35.31 1.31
CA ARG E 61 38.60 -36.51 0.71
C ARG E 61 37.39 -36.20 -0.18
N PHE E 62 36.80 -35.01 -0.06
CA PHE E 62 35.74 -34.58 -0.96
C PHE E 62 36.33 -33.96 -2.21
N SER E 63 35.90 -34.44 -3.36
CA SER E 63 36.38 -33.91 -4.63
C SER E 63 35.25 -33.95 -5.65
N GLY E 64 35.14 -32.90 -6.45
CA GLY E 64 34.18 -32.82 -7.53
C GLY E 64 34.86 -32.90 -8.89
N SER E 65 34.23 -33.61 -9.82
CA SER E 65 34.71 -33.69 -11.18
C SER E 65 33.53 -33.58 -12.13
N GLY E 66 33.83 -33.35 -13.39
CA GLY E 66 32.80 -33.29 -14.41
C GLY E 66 32.64 -31.88 -14.96
N SER E 67 31.94 -31.80 -16.09
CA SER E 67 31.74 -30.55 -16.80
C SER E 67 30.70 -30.78 -17.88
N GLY E 68 29.94 -29.74 -18.19
CA GLY E 68 28.90 -29.83 -19.20
C GLY E 68 27.59 -30.35 -18.66
N THR E 69 27.34 -31.66 -18.81
CA THR E 69 26.09 -32.25 -18.36
C THR E 69 26.25 -33.35 -17.32
N ASP E 70 27.44 -33.91 -17.14
CA ASP E 70 27.66 -35.00 -16.20
C ASP E 70 28.68 -34.60 -15.15
N PHE E 71 28.33 -34.79 -13.88
CA PHE E 71 29.17 -34.40 -12.76
C PHE E 71 29.22 -35.53 -11.74
N THR E 72 30.28 -35.55 -10.94
CA THR E 72 30.52 -36.60 -9.96
C THR E 72 31.10 -36.01 -8.69
N LEU E 73 30.48 -36.34 -7.55
CA LEU E 73 31.03 -36.06 -6.23
C LEU E 73 31.67 -37.33 -5.68
N THR E 74 32.94 -37.24 -5.30
CA THR E 74 33.71 -38.40 -4.87
C THR E 74 34.14 -38.25 -3.41
N ILE E 75 33.91 -39.30 -2.63
CA ILE E 75 34.35 -39.38 -1.25
C ILE E 75 35.24 -40.62 -1.13
N SER E 76 36.56 -40.41 -1.05
CA SER E 76 37.49 -41.50 -0.83
C SER E 76 37.62 -41.75 0.66
N SER E 77 37.47 -43.01 1.06
CA SER E 77 37.53 -43.41 2.47
C SER E 77 36.47 -42.67 3.30
N LEU E 78 35.21 -43.06 3.01
CA LEU E 78 34.06 -42.55 3.74
C LEU E 78 34.29 -42.62 5.26
N GLN E 79 33.85 -41.58 5.95
CA GLN E 79 34.04 -41.42 7.38
C GLN E 79 32.68 -41.41 8.09
N PRO E 80 32.65 -41.69 9.39
CA PRO E 80 31.34 -41.77 10.07
C PRO E 80 30.51 -40.51 9.98
N GLU E 81 31.11 -39.33 10.06
CA GLU E 81 30.35 -38.09 10.00
C GLU E 81 29.99 -37.68 8.56
N ASP E 82 30.10 -38.59 7.61
CA ASP E 82 29.76 -38.31 6.23
C ASP E 82 28.46 -38.97 5.78
N PHE E 83 27.84 -39.80 6.61
CA PHE E 83 26.55 -40.37 6.26
C PHE E 83 25.50 -39.27 6.33
N ALA E 84 24.95 -38.90 5.18
CA ALA E 84 24.06 -37.76 5.06
C ALA E 84 23.45 -37.77 3.68
N THR E 85 22.71 -36.71 3.36
CA THR E 85 22.16 -36.50 2.03
C THR E 85 22.98 -35.44 1.32
N TYR E 86 23.26 -35.69 0.04
CA TYR E 86 24.10 -34.81 -0.77
C TYR E 86 23.27 -34.27 -1.92
N TYR E 87 23.33 -32.96 -2.11
CA TYR E 87 22.59 -32.26 -3.16
C TYR E 87 23.57 -31.63 -4.13
N CYS E 88 23.28 -31.76 -5.43
CA CYS E 88 23.97 -30.98 -6.45
C CYS E 88 23.06 -29.85 -6.91
N GLN E 89 23.66 -28.75 -7.32
CA GLN E 89 22.89 -27.56 -7.65
C GLN E 89 23.60 -26.77 -8.73
N GLN E 90 22.85 -26.35 -9.76
CA GLN E 90 23.42 -25.62 -10.88
C GLN E 90 23.17 -24.13 -10.70
N SER E 91 24.13 -23.33 -11.16
CA SER E 91 24.06 -21.89 -11.06
C SER E 91 24.19 -21.21 -12.42
N TYR E 92 24.01 -21.97 -13.49
CA TYR E 92 24.22 -21.46 -14.84
C TYR E 92 23.08 -20.53 -15.26
N SER E 93 21.83 -20.96 -15.07
CA SER E 93 20.68 -20.20 -15.55
C SER E 93 19.67 -20.03 -14.43
N ASN E 94 19.04 -18.86 -14.39
CA ASN E 94 17.93 -18.66 -13.46
C ASN E 94 16.67 -19.34 -13.98
N PRO E 95 15.89 -19.98 -13.10
CA PRO E 95 16.16 -20.07 -11.66
C PRO E 95 17.14 -21.20 -11.32
N TRP E 96 17.92 -21.02 -10.26
CA TRP E 96 18.83 -22.06 -9.82
C TRP E 96 18.04 -23.28 -9.32
N THR E 97 18.52 -24.47 -9.68
CA THR E 97 17.82 -25.71 -9.39
C THR E 97 18.73 -26.68 -8.66
N PHE E 98 18.13 -27.44 -7.74
CA PHE E 98 18.83 -28.47 -6.99
C PHE E 98 18.41 -29.85 -7.50
N GLY E 99 19.19 -30.85 -7.14
CA GLY E 99 18.80 -32.22 -7.36
C GLY E 99 17.89 -32.73 -6.26
N GLN E 100 17.35 -33.93 -6.47
CA GLN E 100 16.47 -34.52 -5.48
C GLN E 100 17.23 -35.07 -4.29
N GLY E 101 18.55 -35.19 -4.39
CA GLY E 101 19.35 -35.62 -3.27
C GLY E 101 19.78 -37.08 -3.41
N THR E 102 20.87 -37.41 -2.70
CA THR E 102 21.37 -38.77 -2.62
C THR E 102 21.68 -39.05 -1.16
N LYS E 103 21.00 -40.02 -0.57
CA LYS E 103 21.19 -40.37 0.83
C LYS E 103 22.21 -41.50 0.97
N VAL E 104 23.24 -41.27 1.77
CA VAL E 104 24.26 -42.27 2.03
C VAL E 104 24.01 -42.82 3.43
N GLU E 105 23.60 -44.08 3.50
CA GLU E 105 23.27 -44.73 4.76
C GLU E 105 24.29 -45.80 5.08
N ILE E 106 24.39 -46.13 6.37
CA ILE E 106 25.31 -47.17 6.81
C ILE E 106 24.79 -48.52 6.33
N LYS E 107 25.71 -49.34 5.80
CA LYS E 107 25.39 -50.68 5.34
C LYS E 107 25.69 -51.69 6.45
N ARG E 108 24.75 -52.62 6.66
CA ARG E 108 24.92 -53.65 7.67
C ARG E 108 24.19 -54.92 7.22
N THR E 109 24.29 -55.96 8.03
CA THR E 109 23.66 -57.23 7.70
C THR E 109 22.14 -57.11 7.83
N VAL E 110 21.44 -58.01 7.12
CA VAL E 110 19.98 -58.01 7.17
C VAL E 110 19.53 -58.35 8.58
N ALA E 111 18.56 -57.60 9.10
CA ALA E 111 18.06 -57.81 10.46
C ALA E 111 16.56 -57.67 10.46
N ALA E 112 15.88 -58.70 10.96
CA ALA E 112 14.43 -58.71 11.01
C ALA E 112 13.92 -57.81 12.13
N PRO E 113 12.74 -57.20 11.95
CA PRO E 113 12.19 -56.36 13.02
C PRO E 113 11.58 -57.19 14.13
N SER E 114 11.58 -56.60 15.33
CA SER E 114 10.81 -57.11 16.44
C SER E 114 9.45 -56.40 16.41
N VAL E 115 8.37 -57.19 16.38
CA VAL E 115 7.04 -56.64 16.15
C VAL E 115 6.27 -56.62 17.47
N PHE E 116 5.77 -55.45 17.83
CA PHE E 116 4.92 -55.28 19.00
C PHE E 116 3.66 -54.53 18.59
N ILE E 117 2.58 -54.79 19.31
CA ILE E 117 1.30 -54.14 19.05
C ILE E 117 0.72 -53.69 20.39
N PHE E 118 0.13 -52.50 20.40
CA PHE E 118 -0.41 -51.89 21.61
C PHE E 118 -1.86 -51.50 21.37
N PRO E 119 -2.80 -52.09 22.10
CA PRO E 119 -4.19 -51.64 21.98
C PRO E 119 -4.37 -50.27 22.60
N PRO E 120 -5.50 -49.61 22.37
CA PRO E 120 -5.69 -48.29 22.97
C PRO E 120 -5.86 -48.39 24.48
N SER E 121 -5.24 -47.45 25.19
CA SER E 121 -5.37 -47.41 26.64
C SER E 121 -6.81 -47.12 27.05
N ASP E 122 -7.22 -47.70 28.18
CA ASP E 122 -8.56 -47.43 28.71
C ASP E 122 -8.77 -45.94 28.95
N GLU E 123 -7.70 -45.22 29.27
CA GLU E 123 -7.80 -43.76 29.43
C GLU E 123 -8.18 -43.09 28.12
N GLN E 124 -7.48 -43.45 27.04
CA GLN E 124 -7.81 -42.87 25.73
C GLN E 124 -9.21 -43.28 25.28
N LEU E 125 -9.61 -44.51 25.59
CA LEU E 125 -10.98 -44.91 25.28
C LEU E 125 -11.99 -44.04 26.03
N LYS E 126 -11.72 -43.74 27.30
CA LYS E 126 -12.55 -42.79 28.02
C LYS E 126 -12.53 -41.42 27.36
N SER E 127 -11.44 -41.08 26.68
CA SER E 127 -11.39 -39.78 26.00
C SER E 127 -12.33 -39.73 24.80
N GLY E 128 -12.60 -40.86 24.14
CA GLY E 128 -13.53 -40.93 23.04
C GLY E 128 -12.96 -41.50 21.75
N THR E 129 -11.65 -41.59 21.63
CA THR E 129 -11.01 -42.12 20.43
C THR E 129 -10.12 -43.32 20.81
N ALA E 130 -9.79 -44.12 19.80
CA ALA E 130 -8.97 -45.31 20.00
C ALA E 130 -7.87 -45.34 18.97
N SER E 131 -6.62 -45.46 19.44
CA SER E 131 -5.44 -45.51 18.59
C SER E 131 -4.71 -46.81 18.82
N VAL E 132 -4.55 -47.60 17.77
CA VAL E 132 -3.81 -48.85 17.82
C VAL E 132 -2.46 -48.64 17.17
N VAL E 133 -1.38 -49.01 17.88
CA VAL E 133 -0.01 -48.78 17.43
C VAL E 133 0.66 -50.13 17.15
N CYS E 134 1.30 -50.23 16.00
CA CYS E 134 2.13 -51.37 15.66
C CYS E 134 3.57 -50.90 15.52
N LEU E 135 4.50 -51.62 16.14
CA LEU E 135 5.88 -51.17 16.29
C LEU E 135 6.84 -52.16 15.64
N LEU E 136 7.66 -51.66 14.72
CA LEU E 136 8.73 -52.43 14.11
C LEU E 136 10.05 -51.90 14.66
N ASN E 137 10.79 -52.74 15.37
CA ASN E 137 11.92 -52.29 16.17
C ASN E 137 13.23 -52.84 15.62
N ASN E 138 14.17 -51.93 15.32
CA ASN E 138 15.58 -52.25 15.09
C ASN E 138 15.75 -53.22 13.92
N PHE E 139 15.24 -52.83 12.76
CA PHE E 139 15.33 -53.65 11.57
C PHE E 139 16.16 -52.95 10.49
N TYR E 140 16.55 -53.74 9.49
CA TYR E 140 17.31 -53.30 8.32
C TYR E 140 17.08 -54.31 7.20
N PRO E 141 16.84 -53.86 5.96
CA PRO E 141 16.84 -52.47 5.51
C PRO E 141 15.55 -51.73 5.85
N ARG E 142 15.42 -50.51 5.35
CA ARG E 142 14.30 -49.64 5.69
C ARG E 142 13.01 -50.02 4.97
N GLU E 143 13.11 -50.80 3.89
CA GLU E 143 11.92 -51.19 3.13
C GLU E 143 11.10 -52.19 3.94
N ALA E 144 9.92 -51.77 4.40
CA ALA E 144 9.03 -52.64 5.14
C ALA E 144 7.59 -52.30 4.79
N LYS E 145 6.73 -53.32 4.79
CA LYS E 145 5.32 -53.18 4.44
C LYS E 145 4.45 -53.55 5.64
N VAL E 146 3.46 -52.71 5.93
CA VAL E 146 2.57 -52.89 7.08
C VAL E 146 1.12 -52.75 6.61
N GLN E 147 0.31 -53.78 6.84
CA GLN E 147 -1.12 -53.74 6.57
C GLN E 147 -1.90 -53.97 7.84
N TRP E 148 -3.09 -53.38 7.91
CA TRP E 148 -4.00 -53.52 9.03
C TRP E 148 -5.23 -54.32 8.63
N LYS E 149 -5.60 -55.28 9.45
CA LYS E 149 -6.81 -56.08 9.23
C LYS E 149 -7.67 -56.05 10.49
N VAL E 150 -8.84 -55.42 10.39
CA VAL E 150 -9.81 -55.33 11.48
C VAL E 150 -10.95 -56.28 11.15
N ASP E 151 -11.04 -57.38 11.90
CA ASP E 151 -11.98 -58.46 11.62
C ASP E 151 -11.82 -58.95 10.18
N ASN E 152 -10.57 -59.16 9.78
CA ASN E 152 -10.18 -59.63 8.45
C ASN E 152 -10.57 -58.66 7.34
N ALA E 153 -10.83 -57.41 7.68
CA ALA E 153 -11.10 -56.38 6.69
C ALA E 153 -9.85 -55.52 6.56
N LEU E 154 -9.29 -55.47 5.35
CA LEU E 154 -8.09 -54.69 5.11
C LEU E 154 -8.40 -53.20 5.26
N GLN E 155 -7.60 -52.52 6.07
CA GLN E 155 -7.77 -51.09 6.23
C GLN E 155 -6.96 -50.36 5.16
N SER E 156 -7.48 -49.23 4.70
CA SER E 156 -6.81 -48.45 3.68
C SER E 156 -7.12 -46.98 3.91
N GLY E 157 -6.08 -46.16 4.06
CA GLY E 157 -6.24 -44.73 4.21
C GLY E 157 -6.59 -44.24 5.59
N ASN E 158 -6.59 -45.11 6.61
CA ASN E 158 -6.89 -44.70 7.98
C ASN E 158 -5.77 -45.03 8.94
N SER E 159 -4.56 -45.25 8.43
CA SER E 159 -3.38 -45.47 9.26
C SER E 159 -2.26 -44.57 8.77
N GLN E 160 -1.39 -44.17 9.69
CA GLN E 160 -0.26 -43.31 9.39
C GLN E 160 1.01 -43.94 9.93
N GLU E 161 2.06 -43.96 9.12
CA GLU E 161 3.33 -44.55 9.49
C GLU E 161 4.36 -43.47 9.81
N SER E 162 5.33 -43.82 10.65
CA SER E 162 6.42 -42.92 10.97
C SER E 162 7.68 -43.75 11.19
N VAL E 163 8.78 -43.31 10.60
CA VAL E 163 10.05 -44.03 10.66
C VAL E 163 11.11 -43.13 11.27
N THR E 164 12.01 -43.74 12.02
CA THR E 164 13.12 -43.04 12.65
C THR E 164 14.29 -42.93 11.68
N GLU E 165 15.22 -42.04 12.02
CA GLU E 165 16.49 -41.99 11.32
C GLU E 165 17.29 -43.24 11.64
N GLN E 166 18.28 -43.52 10.79
CA GLN E 166 19.15 -44.66 11.03
C GLN E 166 19.86 -44.48 12.36
N ASP E 167 19.88 -45.54 13.17
CA ASP E 167 20.52 -45.48 14.48
C ASP E 167 22.03 -45.43 14.31
N SER E 168 22.68 -44.57 15.13
CA SER E 168 24.12 -44.41 15.03
C SER E 168 24.86 -45.68 15.47
N LYS E 169 24.32 -46.40 16.46
CA LYS E 169 25.05 -47.53 17.05
C LYS E 169 24.90 -48.80 16.23
N ASP E 170 23.68 -49.30 16.08
CA ASP E 170 23.45 -50.55 15.36
C ASP E 170 22.98 -50.36 13.93
N SER E 171 22.89 -49.11 13.44
CA SER E 171 22.61 -48.83 12.03
C SER E 171 21.30 -49.47 11.58
N THR E 172 20.27 -49.37 12.41
CA THR E 172 18.97 -49.96 12.11
C THR E 172 17.90 -48.87 12.09
N TYR E 173 16.75 -49.24 11.55
CA TYR E 173 15.58 -48.38 11.49
C TYR E 173 14.48 -48.90 12.40
N SER E 174 13.57 -48.02 12.77
CA SER E 174 12.38 -48.38 13.52
C SER E 174 11.19 -47.62 12.95
N LEU E 175 10.03 -48.28 12.93
CA LEU E 175 8.84 -47.74 12.31
C LEU E 175 7.64 -47.98 13.21
N SER E 176 6.70 -47.04 13.18
CA SER E 176 5.45 -47.14 13.95
C SER E 176 4.29 -46.70 13.06
N SER E 177 3.29 -47.57 12.93
CA SER E 177 2.05 -47.24 12.23
C SER E 177 0.91 -47.17 13.23
N THR E 178 0.13 -46.10 13.16
CA THR E 178 -0.97 -45.84 14.09
C THR E 178 -2.29 -45.92 13.32
N LEU E 179 -3.16 -46.82 13.75
CA LEU E 179 -4.51 -46.94 13.21
C LEU E 179 -5.47 -46.19 14.14
N THR E 180 -6.12 -45.15 13.63
CA THR E 180 -6.98 -44.29 14.43
C THR E 180 -8.42 -44.41 13.97
N LEU E 181 -9.32 -44.66 14.91
CA LEU E 181 -10.75 -44.71 14.64
C LEU E 181 -11.50 -44.26 15.90
N SER E 182 -12.83 -44.18 15.79
CA SER E 182 -13.66 -43.73 16.89
C SER E 182 -13.94 -44.86 17.87
N LYS E 183 -14.29 -44.48 19.11
CA LYS E 183 -14.57 -45.45 20.16
C LYS E 183 -15.68 -46.42 19.75
N ALA E 184 -16.74 -45.89 19.14
CA ALA E 184 -17.84 -46.75 18.72
C ALA E 184 -17.39 -47.77 17.69
N ASP E 185 -16.72 -47.30 16.63
CA ASP E 185 -16.20 -48.21 15.62
C ASP E 185 -15.21 -49.20 16.22
N TYR E 186 -14.48 -48.80 17.26
CA TYR E 186 -13.56 -49.73 17.92
C TYR E 186 -14.33 -50.83 18.63
N GLU E 187 -15.39 -50.47 19.36
CA GLU E 187 -16.17 -51.47 20.07
C GLU E 187 -17.04 -52.31 19.15
N LYS E 188 -17.20 -51.88 17.89
CA LYS E 188 -17.94 -52.67 16.91
C LYS E 188 -17.23 -53.95 16.49
N HIS E 189 -15.91 -54.06 16.70
CA HIS E 189 -15.14 -55.16 16.14
C HIS E 189 -14.28 -55.82 17.23
N LYS E 190 -13.73 -56.98 16.89
CA LYS E 190 -13.03 -57.81 17.87
C LYS E 190 -11.55 -57.99 17.55
N VAL E 191 -11.20 -58.54 16.40
CA VAL E 191 -9.83 -58.94 16.11
C VAL E 191 -9.11 -57.80 15.39
N TYR E 192 -8.06 -57.28 16.03
CA TYR E 192 -7.22 -56.24 15.45
C TYR E 192 -5.84 -56.84 15.18
N ALA E 193 -5.43 -56.84 13.91
CA ALA E 193 -4.22 -57.53 13.50
C ALA E 193 -3.32 -56.59 12.70
N CYS E 194 -2.03 -56.69 12.98
CA CYS E 194 -0.98 -55.99 12.25
C CYS E 194 -0.17 -57.01 11.46
N GLU E 195 -0.18 -56.89 10.13
CA GLU E 195 0.50 -57.82 9.24
C GLU E 195 1.70 -57.12 8.62
N VAL E 196 2.91 -57.60 8.92
CA VAL E 196 4.14 -56.96 8.49
C VAL E 196 4.92 -57.92 7.61
N THR E 197 5.50 -57.38 6.53
CA THR E 197 6.36 -58.13 5.63
C THR E 197 7.69 -57.39 5.52
N HIS E 198 8.79 -58.14 5.64
CA HIS E 198 10.12 -57.56 5.60
C HIS E 198 11.06 -58.57 4.97
N GLN E 199 12.17 -58.04 4.44
CA GLN E 199 13.17 -58.89 3.78
C GLN E 199 13.69 -59.97 4.73
N GLY E 200 13.88 -59.64 6.00
CA GLY E 200 14.43 -60.57 6.96
C GLY E 200 13.45 -61.56 7.54
N LEU E 201 12.31 -61.76 6.87
CA LEU E 201 11.29 -62.70 7.31
C LEU E 201 11.02 -63.71 6.20
N SER E 202 11.07 -65.00 6.55
CA SER E 202 10.76 -66.05 5.59
C SER E 202 9.34 -65.90 5.05
N SER E 203 8.43 -65.39 5.87
CA SER E 203 7.04 -65.16 5.49
C SER E 203 6.49 -64.04 6.36
N PRO E 204 5.45 -63.35 5.92
CA PRO E 204 4.89 -62.27 6.74
C PRO E 204 4.42 -62.79 8.09
N VAL E 205 4.66 -61.99 9.12
CA VAL E 205 4.31 -62.35 10.49
C VAL E 205 3.21 -61.39 10.96
N THR E 206 2.24 -61.95 11.68
CA THR E 206 1.09 -61.20 12.17
C THR E 206 1.09 -61.16 13.68
N LYS E 207 0.84 -59.98 14.24
CA LYS E 207 0.63 -59.81 15.68
C LYS E 207 -0.75 -59.22 15.87
N SER E 208 -1.61 -59.95 16.58
CA SER E 208 -3.01 -59.62 16.71
C SER E 208 -3.41 -59.66 18.18
N PHE E 209 -4.59 -59.12 18.46
CA PHE E 209 -5.16 -59.21 19.80
C PHE E 209 -6.68 -59.14 19.71
N ASN E 210 -7.33 -59.75 20.68
CA ASN E 210 -8.78 -59.66 20.85
C ASN E 210 -9.08 -58.59 21.87
N ARG E 211 -10.19 -57.86 21.63
CA ARG E 211 -10.45 -56.64 22.38
C ARG E 211 -10.63 -56.92 23.88
N GLY E 212 -11.07 -58.12 24.26
CA GLY E 212 -11.21 -58.43 25.67
C GLY E 212 -9.87 -58.61 26.36
N GLU E 213 -9.02 -59.49 25.81
CA GLU E 213 -7.61 -59.67 26.21
C GLU E 213 -7.07 -60.95 25.55
N VAL F 2 29.05 -19.32 14.32
CA VAL F 2 27.89 -19.04 13.50
C VAL F 2 28.07 -17.70 12.78
N GLN F 3 27.67 -17.67 11.52
CA GLN F 3 27.84 -16.50 10.65
C GLN F 3 26.53 -15.86 10.23
N LEU F 4 25.39 -16.55 10.42
CA LEU F 4 24.08 -16.00 10.11
C LEU F 4 23.07 -16.61 11.08
N VAL F 5 22.30 -15.77 11.76
CA VAL F 5 21.30 -16.21 12.72
C VAL F 5 19.93 -15.71 12.26
N GLN F 6 18.91 -16.55 12.48
CA GLN F 6 17.57 -16.28 12.02
C GLN F 6 16.61 -16.17 13.20
N SER F 7 15.50 -15.48 12.97
CA SER F 7 14.45 -15.37 13.97
C SER F 7 13.89 -16.75 14.31
N GLU F 8 13.21 -16.82 15.45
CA GLU F 8 12.66 -18.09 15.89
C GLU F 8 11.44 -18.48 15.06
N ALA F 9 10.88 -19.65 15.37
CA ALA F 9 9.80 -20.21 14.58
C ALA F 9 8.56 -19.33 14.67
N GLU F 10 7.69 -19.49 13.67
CA GLU F 10 6.47 -18.71 13.55
C GLU F 10 5.31 -19.64 13.25
N VAL F 11 4.13 -19.27 13.75
CA VAL F 11 2.88 -19.94 13.45
C VAL F 11 1.90 -18.89 12.97
N LYS F 12 1.32 -19.11 11.80
CA LYS F 12 0.47 -18.11 11.16
C LYS F 12 -0.78 -18.75 10.60
N LYS F 13 -1.91 -18.06 10.73
CA LYS F 13 -3.15 -18.52 10.14
C LYS F 13 -3.11 -18.34 8.61
N PRO F 14 -3.83 -19.16 7.86
CA PRO F 14 -3.86 -18.97 6.41
C PRO F 14 -4.39 -17.59 6.05
N GLY F 15 -3.72 -16.95 5.09
CA GLY F 15 -4.08 -15.63 4.62
C GLY F 15 -3.30 -14.50 5.26
N SER F 16 -2.60 -14.75 6.36
CA SER F 16 -1.81 -13.71 7.02
C SER F 16 -0.44 -13.62 6.34
N SER F 17 0.46 -12.84 6.92
CA SER F 17 1.80 -12.67 6.39
C SER F 17 2.81 -12.86 7.51
N VAL F 18 4.00 -13.33 7.14
CA VAL F 18 5.08 -13.59 8.07
C VAL F 18 6.32 -12.84 7.57
N LYS F 19 7.14 -12.39 8.52
CA LYS F 19 8.37 -11.66 8.21
C LYS F 19 9.50 -12.28 9.03
N VAL F 20 10.42 -12.95 8.36
CA VAL F 20 11.55 -13.62 8.98
C VAL F 20 12.79 -12.75 8.85
N SER F 21 13.64 -12.76 9.87
CA SER F 21 14.86 -11.96 9.89
C SER F 21 16.08 -12.85 9.76
N CYS F 22 17.20 -12.20 9.39
CA CYS F 22 18.47 -12.88 9.16
C CYS F 22 19.58 -11.88 9.46
N LYS F 23 20.30 -12.09 10.57
CA LYS F 23 21.34 -11.19 11.02
C LYS F 23 22.71 -11.73 10.60
N ALA F 24 23.55 -10.86 10.06
CA ALA F 24 24.92 -11.21 9.72
C ALA F 24 25.80 -10.98 10.95
N SER F 25 26.36 -12.06 11.47
CA SER F 25 27.20 -12.00 12.67
C SER F 25 28.46 -11.16 12.46
N GLY F 26 28.76 -10.77 11.22
CA GLY F 26 30.03 -10.12 10.95
C GLY F 26 30.04 -8.65 11.29
N GLY F 27 28.90 -7.99 11.21
CA GLY F 27 28.84 -6.56 11.42
C GLY F 27 28.31 -5.83 10.20
N THR F 28 28.73 -6.25 9.00
CA THR F 28 28.26 -5.63 7.77
C THR F 28 27.92 -6.71 6.76
N TYR F 29 27.58 -6.28 5.56
CA TYR F 29 27.36 -7.16 4.43
C TYR F 29 28.55 -7.28 3.50
N SER F 30 29.39 -6.25 3.46
CA SER F 30 30.54 -6.15 2.54
C SER F 30 29.97 -6.32 1.14
N SER F 31 30.49 -7.23 0.31
CA SER F 31 29.96 -7.47 -1.02
C SER F 31 29.16 -8.77 -1.09
N TYR F 32 28.67 -9.28 0.04
CA TYR F 32 27.93 -10.52 0.01
C TYR F 32 26.53 -10.30 -0.54
N ALA F 33 25.93 -11.41 -0.99
CA ALA F 33 24.53 -11.47 -1.40
C ALA F 33 23.78 -12.38 -0.44
N ILE F 34 22.55 -12.03 -0.11
CA ILE F 34 21.74 -12.80 0.82
C ILE F 34 20.52 -13.32 0.07
N SER F 35 20.33 -14.64 0.07
CA SER F 35 19.19 -15.25 -0.58
C SER F 35 18.37 -16.05 0.42
N TRP F 36 17.14 -16.34 0.04
CA TRP F 36 16.23 -17.13 0.86
C TRP F 36 15.83 -18.38 0.08
N VAL F 37 15.99 -19.54 0.72
CA VAL F 37 15.69 -20.83 0.12
C VAL F 37 14.82 -21.61 1.10
N ARG F 38 13.71 -22.15 0.64
CA ARG F 38 12.84 -22.88 1.55
C ARG F 38 12.89 -24.37 1.27
N GLN F 39 12.43 -25.12 2.27
CA GLN F 39 12.43 -26.58 2.23
C GLN F 39 11.17 -27.05 2.93
N ALA F 40 10.22 -27.58 2.16
CA ALA F 40 9.00 -28.13 2.70
C ALA F 40 9.27 -29.46 3.38
N PRO F 41 8.36 -29.94 4.23
CA PRO F 41 8.59 -31.21 4.93
C PRO F 41 8.87 -32.36 3.96
N GLY F 42 10.04 -32.98 4.12
CA GLY F 42 10.43 -34.11 3.30
C GLY F 42 10.73 -33.79 1.85
N GLN F 43 10.95 -32.52 1.53
CA GLN F 43 11.12 -32.08 0.15
C GLN F 43 12.56 -31.62 -0.08
N GLY F 44 12.83 -31.13 -1.28
CA GLY F 44 14.11 -30.57 -1.63
C GLY F 44 14.18 -29.09 -1.34
N LEU F 45 15.24 -28.47 -1.81
CA LEU F 45 15.44 -27.04 -1.64
C LEU F 45 14.90 -26.27 -2.84
N GLU F 46 14.40 -25.06 -2.57
CA GLU F 46 13.75 -24.24 -3.59
C GLU F 46 14.11 -22.78 -3.34
N TRP F 47 14.79 -22.16 -4.31
CA TRP F 47 15.12 -20.74 -4.22
C TRP F 47 13.86 -19.90 -4.42
N MET F 48 13.75 -18.82 -3.65
CA MET F 48 12.62 -17.91 -3.81
C MET F 48 13.01 -16.48 -4.14
N GLY F 49 14.15 -16.01 -3.68
CA GLY F 49 14.53 -14.64 -3.95
C GLY F 49 15.81 -14.30 -3.22
N GLY F 50 16.28 -13.08 -3.47
CA GLY F 50 17.54 -12.65 -2.90
C GLY F 50 17.71 -11.15 -3.01
N ILE F 51 18.77 -10.68 -2.37
CA ILE F 51 19.11 -9.26 -2.29
C ILE F 51 20.62 -9.11 -2.26
N ILE F 52 21.10 -8.06 -2.89
CA ILE F 52 22.53 -7.73 -2.85
C ILE F 52 22.65 -6.39 -2.16
N PRO F 53 22.81 -6.37 -0.82
CA PRO F 53 22.74 -5.10 -0.09
C PRO F 53 23.73 -4.06 -0.56
N ILE F 54 24.95 -4.46 -0.92
CA ILE F 54 25.94 -3.48 -1.37
C ILE F 54 25.47 -2.78 -2.64
N LEU F 55 24.62 -3.42 -3.44
CA LEU F 55 24.09 -2.84 -4.66
C LEU F 55 22.68 -2.29 -4.52
N GLY F 56 21.89 -2.79 -3.57
CA GLY F 56 20.51 -2.36 -3.40
C GLY F 56 19.59 -2.95 -4.44
N ILE F 57 19.71 -4.25 -4.69
CA ILE F 57 18.89 -4.95 -5.67
C ILE F 57 18.22 -6.13 -4.99
N ALA F 58 17.02 -6.47 -5.48
CA ALA F 58 16.31 -7.64 -5.01
C ALA F 58 15.64 -8.33 -6.20
N ASN F 59 15.81 -9.65 -6.27
CA ASN F 59 15.18 -10.49 -7.28
C ASN F 59 14.30 -11.50 -6.58
N TYR F 60 13.30 -12.00 -7.30
CA TYR F 60 12.41 -13.00 -6.73
C TYR F 60 12.12 -14.06 -7.77
N ALA F 61 11.88 -15.28 -7.31
CA ALA F 61 11.49 -16.34 -8.21
C ALA F 61 10.08 -16.08 -8.74
N GLN F 62 9.80 -16.64 -9.92
CA GLN F 62 8.50 -16.42 -10.54
C GLN F 62 7.37 -16.99 -9.71
N LYS F 63 7.64 -18.08 -8.97
CA LYS F 63 6.61 -18.70 -8.14
C LYS F 63 6.15 -17.80 -7.00
N PHE F 64 6.90 -16.74 -6.69
CA PHE F 64 6.58 -15.93 -5.53
C PHE F 64 6.39 -14.45 -5.84
N GLN F 65 6.27 -14.07 -7.09
CA GLN F 65 6.02 -12.67 -7.42
C GLN F 65 4.68 -12.23 -6.85
N GLY F 66 4.65 -11.01 -6.31
CA GLY F 66 3.46 -10.44 -5.71
C GLY F 66 3.23 -10.81 -4.25
N ARG F 67 3.99 -11.76 -3.72
CA ARG F 67 3.84 -12.18 -2.33
C ARG F 67 5.06 -11.93 -1.46
N VAL F 68 6.27 -11.97 -2.03
CA VAL F 68 7.50 -11.86 -1.25
C VAL F 68 8.09 -10.47 -1.41
N THR F 69 8.73 -9.99 -0.34
CA THR F 69 9.48 -8.75 -0.36
C THR F 69 10.71 -8.94 0.51
N ILE F 70 11.89 -8.84 -0.09
CA ILE F 70 13.15 -8.99 0.62
C ILE F 70 13.81 -7.62 0.75
N THR F 71 14.23 -7.28 1.96
CA THR F 71 14.79 -5.99 2.29
C THR F 71 16.06 -6.18 3.12
N ALA F 72 16.81 -5.09 3.27
CA ALA F 72 18.04 -5.11 4.04
C ALA F 72 18.18 -3.81 4.81
N ASP F 73 18.74 -3.89 6.02
CA ASP F 73 19.00 -2.73 6.87
C ASP F 73 20.50 -2.73 7.12
N LYS F 74 21.22 -1.80 6.49
CA LYS F 74 22.67 -1.78 6.62
C LYS F 74 23.11 -1.39 8.03
N SER F 75 22.32 -0.57 8.73
CA SER F 75 22.69 -0.16 10.08
C SER F 75 22.74 -1.36 11.01
N THR F 76 21.70 -2.19 11.01
CA THR F 76 21.67 -3.40 11.82
C THR F 76 22.27 -4.62 11.13
N SER F 77 22.62 -4.49 9.84
CA SER F 77 23.15 -5.62 9.06
CA SER F 77 23.15 -5.61 9.05
C SER F 77 22.23 -6.83 9.13
N THR F 78 20.93 -6.57 9.09
CA THR F 78 19.90 -7.60 9.18
C THR F 78 19.09 -7.61 7.89
N ALA F 79 18.86 -8.81 7.36
CA ALA F 79 18.03 -8.98 6.18
C ALA F 79 16.66 -9.53 6.58
N TYR F 80 15.62 -9.09 5.88
CA TYR F 80 14.26 -9.49 6.18
C TYR F 80 13.60 -10.04 4.93
N MET F 81 12.70 -11.01 5.14
CA MET F 81 11.92 -11.62 4.08
C MET F 81 10.48 -11.70 4.54
N GLU F 82 9.57 -11.00 3.84
CA GLU F 82 8.16 -10.95 4.19
C GLU F 82 7.38 -11.68 3.10
N LEU F 83 6.61 -12.68 3.51
CA LEU F 83 5.79 -13.48 2.60
C LEU F 83 4.32 -13.26 2.92
N SER F 84 3.58 -12.70 1.96
CA SER F 84 2.18 -12.35 2.14
C SER F 84 1.27 -13.48 1.66
N SER F 85 0.02 -13.41 2.11
CA SER F 85 -1.05 -14.32 1.67
C SER F 85 -0.64 -15.78 1.83
N LEU F 86 -0.34 -16.15 3.07
CA LEU F 86 0.21 -17.46 3.36
C LEU F 86 -0.83 -18.55 3.15
N ARG F 87 -0.35 -19.73 2.76
CA ARG F 87 -1.21 -20.88 2.53
C ARG F 87 -0.64 -22.08 3.27
N SER F 88 -1.45 -23.13 3.37
CA SER F 88 -1.01 -24.37 4.01
C SER F 88 0.24 -24.92 3.33
N GLU F 89 0.35 -24.76 2.00
CA GLU F 89 1.52 -25.21 1.27
C GLU F 89 2.79 -24.49 1.68
N ASP F 90 2.67 -23.30 2.28
CA ASP F 90 3.85 -22.51 2.66
C ASP F 90 4.53 -23.02 3.92
N THR F 91 3.93 -23.98 4.62
CA THR F 91 4.55 -24.54 5.82
C THR F 91 5.89 -25.17 5.48
N ALA F 92 6.98 -24.58 5.95
CA ALA F 92 8.30 -25.05 5.54
C ALA F 92 9.38 -24.38 6.38
N VAL F 93 10.61 -24.83 6.19
CA VAL F 93 11.79 -24.23 6.82
C VAL F 93 12.41 -23.26 5.83
N TYR F 94 12.58 -22.02 6.26
CA TYR F 94 13.11 -20.95 5.42
C TYR F 94 14.55 -20.65 5.87
N TYR F 95 15.51 -20.97 5.01
CA TYR F 95 16.93 -20.70 5.22
C TYR F 95 17.32 -19.38 4.55
N CYS F 96 18.18 -18.61 5.21
CA CYS F 96 18.86 -17.49 4.57
C CYS F 96 20.30 -17.90 4.34
N ALA F 97 20.72 -17.89 3.08
CA ALA F 97 22.06 -18.30 2.69
C ALA F 97 22.81 -17.11 2.11
N ARG F 98 24.12 -17.25 2.06
CA ARG F 98 25.04 -16.18 1.74
C ARG F 98 25.83 -16.56 0.50
N LEU F 99 26.13 -15.58 -0.35
CA LEU F 99 26.86 -15.84 -1.59
C LEU F 99 27.97 -14.82 -1.73
N PRO F 100 29.23 -15.24 -1.89
CA PRO F 100 30.31 -14.29 -2.16
C PRO F 100 30.49 -14.03 -3.64
N TYR F 101 31.04 -12.86 -3.93
CA TYR F 101 31.38 -12.52 -5.31
C TYR F 101 32.57 -13.37 -5.74
N TYR F 102 32.32 -14.30 -6.66
CA TYR F 102 33.34 -15.20 -7.18
C TYR F 102 33.99 -14.53 -8.38
N TYR F 103 35.15 -13.89 -8.15
CA TYR F 103 35.77 -13.09 -9.20
C TYR F 103 36.06 -13.89 -10.46
N ASP F 104 36.35 -15.18 -10.33
CA ASP F 104 36.69 -16.00 -11.49
C ASP F 104 35.52 -16.18 -12.46
N SER F 105 34.30 -15.90 -12.03
CA SER F 105 33.14 -15.95 -12.92
C SER F 105 32.33 -14.66 -12.88
N SER F 106 32.82 -13.63 -12.19
CA SER F 106 32.24 -12.29 -12.21
C SER F 106 30.79 -12.27 -11.73
N GLY F 107 30.52 -12.97 -10.63
CA GLY F 107 29.19 -12.95 -10.09
C GLY F 107 29.03 -13.94 -8.95
N TYR F 108 27.78 -14.07 -8.50
CA TYR F 108 27.44 -14.92 -7.37
C TYR F 108 26.95 -16.26 -7.90
N TYR F 109 27.65 -17.34 -7.56
CA TYR F 109 27.36 -18.63 -8.18
C TYR F 109 27.31 -19.81 -7.19
N TYR F 110 27.40 -19.56 -5.88
CA TYR F 110 27.29 -20.64 -4.90
C TYR F 110 26.93 -20.05 -3.55
N PHE F 111 26.28 -20.87 -2.71
CA PHE F 111 25.95 -20.49 -1.34
C PHE F 111 27.06 -20.90 -0.38
N ASP F 112 27.60 -19.92 0.34
CA ASP F 112 28.80 -20.11 1.17
C ASP F 112 28.47 -20.45 2.62
N TYR F 113 27.31 -20.07 3.11
CA TYR F 113 26.92 -20.32 4.48
C TYR F 113 25.41 -20.28 4.60
N TRP F 114 24.83 -21.25 5.31
CA TRP F 114 23.39 -21.30 5.53
C TRP F 114 23.07 -21.05 7.00
N GLY F 115 21.98 -20.32 7.24
CA GLY F 115 21.49 -20.14 8.59
C GLY F 115 20.78 -21.39 9.07
N GLN F 116 20.53 -21.46 10.38
CA GLN F 116 19.97 -22.69 10.94
C GLN F 116 18.59 -22.96 10.38
N GLY F 117 17.87 -21.93 9.99
CA GLY F 117 16.56 -22.07 9.37
C GLY F 117 15.46 -21.63 10.32
N THR F 118 14.37 -21.09 9.75
CA THR F 118 13.22 -20.65 10.51
C THR F 118 12.01 -21.47 10.07
N LEU F 119 11.40 -22.17 11.01
CA LEU F 119 10.21 -22.95 10.67
C LEU F 119 8.99 -22.05 10.68
N VAL F 120 8.23 -22.07 9.59
CA VAL F 120 6.96 -21.35 9.50
C VAL F 120 5.87 -22.38 9.30
N THR F 121 4.96 -22.46 10.28
CA THR F 121 3.84 -23.38 10.26
C THR F 121 2.58 -22.58 9.93
N VAL F 122 1.93 -22.94 8.82
CA VAL F 122 0.69 -22.31 8.42
C VAL F 122 -0.41 -23.34 8.50
N SER F 123 -1.41 -23.08 9.36
CA SER F 123 -2.49 -24.01 9.58
C SER F 123 -3.65 -23.25 10.20
N SER F 124 -4.87 -23.71 9.89
CA SER F 124 -6.06 -23.14 10.48
C SER F 124 -6.23 -23.51 11.96
N ALA F 125 -5.43 -24.45 12.47
CA ALA F 125 -5.55 -24.90 13.84
C ALA F 125 -5.01 -23.84 14.82
N SER F 126 -5.34 -24.02 16.09
CA SER F 126 -4.89 -23.14 17.16
C SER F 126 -4.09 -23.93 18.18
N THR F 127 -3.23 -23.21 18.91
CA THR F 127 -2.31 -23.84 19.85
C THR F 127 -3.08 -24.68 20.86
N LYS F 128 -2.78 -25.98 20.88
CA LYS F 128 -3.43 -26.91 21.79
C LYS F 128 -2.38 -27.85 22.37
N GLY F 129 -2.51 -28.13 23.66
CA GLY F 129 -1.60 -29.03 24.33
C GLY F 129 -1.92 -30.49 24.05
N PRO F 130 -0.92 -31.36 24.18
CA PRO F 130 -1.10 -32.77 23.86
C PRO F 130 -1.76 -33.55 25.00
N SER F 131 -2.28 -34.71 24.62
CA SER F 131 -2.78 -35.72 25.56
C SER F 131 -1.82 -36.89 25.56
N VAL F 132 -1.33 -37.27 26.74
CA VAL F 132 -0.34 -38.33 26.86
C VAL F 132 -1.03 -39.58 27.38
N PHE F 133 -0.96 -40.66 26.61
CA PHE F 133 -1.55 -41.93 26.95
C PHE F 133 -0.46 -43.01 27.05
N PRO F 134 -0.68 -44.05 27.83
CA PRO F 134 0.33 -45.11 27.95
C PRO F 134 0.16 -46.20 26.91
N LEU F 135 1.28 -46.77 26.52
CA LEU F 135 1.35 -47.93 25.64
C LEU F 135 2.01 -48.99 26.51
N ALA F 136 1.19 -49.76 27.22
CA ALA F 136 1.64 -50.69 28.24
C ALA F 136 2.14 -52.00 27.63
N PRO F 137 3.03 -52.70 28.32
CA PRO F 137 3.45 -54.03 27.88
C PRO F 137 2.57 -55.12 28.43
N SER F 138 2.54 -56.25 27.71
CA SER F 138 1.76 -57.40 28.13
C SER F 138 2.47 -58.73 28.00
N SER F 139 3.66 -58.77 27.41
CA SER F 139 4.44 -60.00 27.31
C SER F 139 5.91 -59.68 27.03
N GLY F 145 13.54 -62.61 25.92
CA GLY F 145 12.67 -61.98 26.90
C GLY F 145 12.84 -60.48 26.95
N THR F 146 12.31 -59.79 25.93
CA THR F 146 12.34 -58.33 25.87
C THR F 146 10.93 -57.81 25.63
N ALA F 147 10.51 -56.85 26.43
CA ALA F 147 9.21 -56.21 26.30
C ALA F 147 9.36 -54.79 25.79
N ALA F 148 8.28 -54.25 25.22
CA ALA F 148 8.26 -52.90 24.68
C ALA F 148 7.13 -52.11 25.34
N LEU F 149 7.39 -50.84 25.61
CA LEU F 149 6.38 -49.96 26.19
C LEU F 149 6.60 -48.55 25.64
N GLY F 150 5.68 -47.64 25.93
CA GLY F 150 5.84 -46.30 25.41
C GLY F 150 4.74 -45.35 25.80
N CYS F 151 4.77 -44.20 25.14
CA CYS F 151 3.86 -43.07 25.36
C CYS F 151 3.33 -42.59 24.03
N LEU F 152 2.02 -42.36 23.98
CA LEU F 152 1.36 -41.79 22.81
C LEU F 152 1.02 -40.34 23.12
N VAL F 153 1.70 -39.42 22.44
CA VAL F 153 1.48 -37.99 22.59
C VAL F 153 0.60 -37.54 21.43
N LYS F 154 -0.66 -37.24 21.70
CA LYS F 154 -1.66 -37.08 20.64
C LYS F 154 -2.32 -35.72 20.68
N ASP F 155 -2.64 -35.20 19.48
CA ASP F 155 -3.55 -34.07 19.29
C ASP F 155 -2.99 -32.77 19.87
N TYR F 156 -1.79 -32.41 19.41
CA TYR F 156 -1.18 -31.15 19.81
C TYR F 156 -0.87 -30.30 18.58
N PHE F 157 -0.64 -29.00 18.83
CA PHE F 157 -0.29 -28.03 17.81
C PHE F 157 0.29 -26.81 18.49
N PRO F 158 1.37 -26.23 17.97
CA PRO F 158 2.13 -26.73 16.82
C PRO F 158 3.33 -27.54 17.26
N GLU F 159 4.18 -27.91 16.31
CA GLU F 159 5.47 -28.49 16.65
C GLU F 159 6.31 -27.46 17.39
N PRO F 160 7.26 -27.89 18.25
CA PRO F 160 7.56 -29.30 18.54
C PRO F 160 7.21 -29.72 19.96
N VAL F 161 7.35 -31.02 20.23
CA VAL F 161 7.35 -31.53 21.60
C VAL F 161 8.65 -32.31 21.81
N THR F 162 9.11 -32.32 23.05
CA THR F 162 10.28 -33.11 23.43
C THR F 162 9.86 -34.22 24.39
N VAL F 163 10.54 -35.35 24.32
CA VAL F 163 10.21 -36.50 25.16
C VAL F 163 11.49 -37.13 25.68
N SER F 164 11.54 -37.39 26.99
CA SER F 164 12.60 -38.18 27.60
C SER F 164 11.98 -39.26 28.47
N TRP F 165 12.82 -40.15 28.99
CA TRP F 165 12.35 -41.21 29.86
C TRP F 165 13.11 -41.20 31.17
N ASN F 166 12.37 -41.35 32.27
CA ASN F 166 12.92 -41.31 33.62
C ASN F 166 13.81 -40.09 33.83
N SER F 167 13.36 -38.94 33.32
CA SER F 167 14.05 -37.67 33.48
C SER F 167 15.48 -37.71 32.93
N GLY F 168 15.64 -38.34 31.77
CA GLY F 168 16.93 -38.48 31.13
C GLY F 168 17.79 -39.65 31.58
N ALA F 169 17.35 -40.43 32.57
CA ALA F 169 18.14 -41.56 33.03
C ALA F 169 18.06 -42.77 32.10
N LEU F 170 17.04 -42.83 31.26
CA LEU F 170 16.85 -43.95 30.32
C LEU F 170 16.99 -43.44 28.90
N THR F 171 18.05 -43.86 28.21
CA THR F 171 18.26 -43.47 26.82
C THR F 171 18.53 -44.68 25.93
N SER F 172 19.07 -45.75 26.51
CA SER F 172 19.38 -46.94 25.73
C SER F 172 18.10 -47.63 25.27
N GLY F 173 17.98 -47.83 23.96
CA GLY F 173 16.85 -48.53 23.39
C GLY F 173 15.62 -47.69 23.11
N VAL F 174 15.65 -46.40 23.45
CA VAL F 174 14.49 -45.54 23.25
C VAL F 174 14.45 -45.09 21.79
N HIS F 175 13.22 -45.04 21.25
CA HIS F 175 12.95 -44.50 19.92
C HIS F 175 11.78 -43.54 20.06
N THR F 176 12.03 -42.24 19.86
CA THR F 176 10.97 -41.24 19.84
C THR F 176 10.71 -40.89 18.38
N PHE F 177 9.54 -41.29 17.88
CA PHE F 177 9.28 -41.17 16.46
C PHE F 177 9.01 -39.72 16.08
N PRO F 178 9.36 -39.34 14.85
CA PRO F 178 8.97 -38.02 14.35
C PRO F 178 7.46 -37.91 14.30
N ALA F 179 6.96 -36.70 14.57
CA ALA F 179 5.52 -36.49 14.61
C ALA F 179 4.90 -36.70 13.23
N VAL F 180 3.60 -36.93 13.24
CA VAL F 180 2.81 -37.09 12.03
C VAL F 180 1.61 -36.15 12.14
N LEU F 181 1.14 -35.67 11.00
CA LEU F 181 0.07 -34.69 10.95
C LEU F 181 -1.22 -35.38 10.53
N GLN F 182 -2.18 -35.46 11.45
CA GLN F 182 -3.43 -36.16 11.19
C GLN F 182 -4.39 -35.27 10.39
N SER F 183 -5.47 -35.89 9.91
CA SER F 183 -6.44 -35.16 9.10
C SER F 183 -7.10 -34.03 9.90
N SER F 184 -7.16 -34.16 11.22
CA SER F 184 -7.72 -33.11 12.07
C SER F 184 -6.87 -31.84 12.04
N GLY F 185 -5.64 -31.92 11.54
CA GLY F 185 -4.73 -30.79 11.56
C GLY F 185 -3.87 -30.71 12.81
N LEU F 186 -3.95 -31.69 13.70
CA LEU F 186 -3.15 -31.76 14.90
C LEU F 186 -2.10 -32.85 14.77
N TYR F 187 -0.98 -32.67 15.48
CA TYR F 187 0.13 -33.59 15.41
C TYR F 187 0.01 -34.71 16.43
N SER F 188 0.70 -35.82 16.16
CA SER F 188 0.71 -36.96 17.07
CA SER F 188 0.72 -36.95 17.08
C SER F 188 1.99 -37.76 16.86
N LEU F 189 2.53 -38.29 17.95
CA LEU F 189 3.72 -39.12 17.87
C LEU F 189 3.69 -40.14 19.01
N SER F 190 4.68 -41.02 19.00
CA SER F 190 4.79 -42.08 19.99
C SER F 190 6.27 -42.25 20.31
N SER F 191 6.59 -42.34 21.59
CA SER F 191 7.95 -42.61 22.03
C SER F 191 7.94 -43.95 22.73
N VAL F 192 8.69 -44.91 22.20
CA VAL F 192 8.71 -46.26 22.72
C VAL F 192 10.11 -46.57 23.26
N VAL F 193 10.19 -47.67 24.00
CA VAL F 193 11.45 -48.15 24.55
C VAL F 193 11.31 -49.64 24.80
N THR F 194 12.39 -50.37 24.53
CA THR F 194 12.47 -51.80 24.78
C THR F 194 13.31 -52.05 26.02
N VAL F 195 12.80 -52.90 26.91
CA VAL F 195 13.45 -53.21 28.19
C VAL F 195 13.42 -54.71 28.41
N PRO F 196 14.18 -55.24 29.36
CA PRO F 196 14.02 -56.65 29.74
C PRO F 196 12.68 -56.87 30.44
N SER F 197 12.09 -58.04 30.19
CA SER F 197 10.81 -58.36 30.83
C SER F 197 10.97 -58.48 32.34
N SER F 198 12.10 -59.02 32.80
CA SER F 198 12.31 -59.25 34.23
C SER F 198 12.19 -57.95 35.03
N SER F 199 12.53 -56.82 34.42
CA SER F 199 12.48 -55.53 35.12
C SER F 199 11.10 -54.89 35.11
N LEU F 200 10.08 -55.54 34.53
CA LEU F 200 8.78 -54.89 34.39
C LEU F 200 8.16 -54.58 35.74
N GLY F 201 8.37 -55.44 36.74
CA GLY F 201 7.78 -55.25 38.04
C GLY F 201 8.62 -54.46 39.02
N THR F 202 9.94 -54.54 38.87
CA THR F 202 10.86 -53.91 39.81
C THR F 202 11.25 -52.49 39.41
N GLN F 203 11.34 -52.20 38.12
CA GLN F 203 11.80 -50.90 37.64
C GLN F 203 10.60 -50.04 37.23
N THR F 204 10.61 -48.78 37.66
CA THR F 204 9.57 -47.82 37.31
C THR F 204 9.95 -47.07 36.03
N TYR F 205 8.97 -46.89 35.14
CA TYR F 205 9.16 -46.24 33.85
C TYR F 205 8.24 -45.04 33.75
N ILE F 206 8.81 -43.87 33.49
CA ILE F 206 8.05 -42.62 33.37
C ILE F 206 8.53 -41.90 32.12
N CYS F 207 7.58 -41.46 31.29
CA CYS F 207 7.91 -40.65 30.13
C CYS F 207 7.56 -39.19 30.42
N ASN F 208 8.49 -38.29 30.14
CA ASN F 208 8.32 -36.86 30.35
C ASN F 208 8.18 -36.18 29.01
N VAL F 209 7.04 -35.49 28.84
CA VAL F 209 6.67 -34.84 27.59
C VAL F 209 6.59 -33.34 27.87
N ASN F 210 7.17 -32.55 26.97
CA ASN F 210 7.18 -31.10 27.10
C ASN F 210 6.71 -30.50 25.79
N HIS F 211 5.64 -29.70 25.85
CA HIS F 211 5.14 -28.92 24.71
C HIS F 211 5.17 -27.46 25.14
N LYS F 212 6.19 -26.73 24.69
CA LYS F 212 6.42 -25.36 25.14
C LYS F 212 5.47 -24.34 24.53
N PRO F 213 5.06 -24.46 23.26
CA PRO F 213 4.06 -23.51 22.74
C PRO F 213 2.80 -23.43 23.58
N SER F 214 2.31 -24.55 24.10
CA SER F 214 1.12 -24.56 24.93
C SER F 214 1.44 -24.53 26.42
N ASN F 215 2.72 -24.47 26.78
CA ASN F 215 3.16 -24.46 28.18
C ASN F 215 2.57 -25.64 28.94
N THR F 216 2.65 -26.82 28.32
CA THR F 216 2.18 -28.04 28.96
C THR F 216 3.36 -28.97 29.18
N LYS F 217 3.41 -29.60 30.36
CA LYS F 217 4.46 -30.54 30.70
C LYS F 217 3.81 -31.68 31.45
N VAL F 218 4.04 -32.91 31.01
CA VAL F 218 3.38 -34.09 31.58
C VAL F 218 4.42 -35.14 31.92
N ASP F 219 4.21 -35.83 33.04
CA ASP F 219 5.03 -36.97 33.44
C ASP F 219 4.09 -38.15 33.63
N LYS F 220 4.16 -39.15 32.73
CA LYS F 220 3.23 -40.27 32.71
C LYS F 220 3.95 -41.57 33.05
N ARG F 221 3.45 -42.27 34.08
CA ARG F 221 3.92 -43.62 34.38
C ARG F 221 3.28 -44.62 33.44
N VAL F 222 4.08 -45.60 33.01
CA VAL F 222 3.63 -46.66 32.12
C VAL F 222 3.81 -47.96 32.89
N GLU F 223 2.69 -48.57 33.29
CA GLU F 223 2.71 -49.80 34.06
C GLU F 223 2.01 -50.91 33.28
N PRO F 224 2.38 -52.16 33.52
CA PRO F 224 1.80 -53.26 32.71
C PRO F 224 0.36 -53.57 33.09
N LYS F 225 -0.16 -54.70 32.61
CA LYS F 225 -1.53 -55.10 32.96
C LYS F 225 -1.76 -56.60 32.76
#